data_7JNA
#
_entry.id   7JNA
#
_cell.length_a   1.00
_cell.length_b   1.00
_cell.length_c   1.00
_cell.angle_alpha   90.00
_cell.angle_beta   90.00
_cell.angle_gamma   90.00
#
_symmetry.space_group_name_H-M   'P 1'
#
loop_
_entity.id
_entity.type
_entity.pdbx_description
1 polymer 'Proton-activated chloride channel'
2 branched 2-acetamido-2-deoxy-beta-D-glucopyranose-(1-4)-2-acetamido-2-deoxy-beta-D-glucopyranose
3 non-polymer 2-acetamido-2-deoxy-beta-D-glucopyranose
#
_entity_poly.entity_id   1
_entity_poly.type   'polypeptide(L)'
_entity_poly.pdbx_seq_one_letter_code
;MIRQERSTSYQELSEELVQVVENSELADEQDKETVRVQGPGILPGLDSESASSSIRFSKACLKNVFSVLLIFIYLLLMAV
AVFLVYRTITDFREKLKHPVMSVSYKEVDRYDAPGIALYPGQAQLLSCKHHYEVIPPLTSPGQPGDMNCTTQRINYTDPF
SNQTVKSALIVQGPREVKKRELVFLQFRLNKSSEDFSAIDYLLFSSFQEFLQSPNRVGFMQACESAYSSWKFSGGFRTWV
KMSLVKTKEEDGREAVEFRQETSVVNYIDQRPAAKKSAQLFFVVFEWKDPFIQKVQDIVTANPWNTIALLCGAFLALFKA
AEFAKLSIKWMIKIRKRYLKRRGQATSHIS
;
_entity_poly.pdbx_strand_id   A,B,C
#
loop_
_chem_comp.id
_chem_comp.type
_chem_comp.name
_chem_comp.formula
NAG D-saccharide, beta linking 2-acetamido-2-deoxy-beta-D-glucopyranose 'C8 H15 N O6'
#
# COMPACT_ATOMS: atom_id res chain seq x y z
N CYS A 61 7.86 -54.80 -45.19
CA CYS A 61 7.44 -53.50 -45.68
C CYS A 61 7.09 -52.55 -44.53
N LEU A 62 7.11 -53.09 -43.31
CA LEU A 62 6.80 -52.32 -42.11
C LEU A 62 8.04 -51.79 -41.41
N LYS A 63 9.20 -51.74 -42.06
CA LYS A 63 10.39 -51.17 -41.44
C LYS A 63 10.27 -49.65 -41.34
N ASN A 64 9.75 -49.00 -42.39
CA ASN A 64 9.52 -47.56 -42.34
C ASN A 64 8.56 -47.21 -41.20
N VAL A 65 7.70 -48.15 -40.80
CA VAL A 65 6.87 -47.92 -39.62
C VAL A 65 7.73 -47.75 -38.39
N PHE A 66 8.70 -48.65 -38.18
CA PHE A 66 9.60 -48.51 -37.03
C PHE A 66 10.45 -47.25 -37.16
N SER A 67 10.79 -46.87 -38.38
CA SER A 67 11.53 -45.63 -38.61
C SER A 67 10.73 -44.43 -38.12
N VAL A 68 9.49 -44.30 -38.60
CA VAL A 68 8.63 -43.21 -38.16
C VAL A 68 8.33 -43.33 -36.67
N LEU A 69 8.41 -44.55 -36.12
CA LEU A 69 8.23 -44.70 -34.68
C LEU A 69 9.37 -44.05 -33.91
N LEU A 70 10.61 -44.42 -34.24
CA LEU A 70 11.76 -43.76 -33.64
C LEU A 70 11.74 -42.26 -33.89
N ILE A 71 11.19 -41.84 -35.03
CA ILE A 71 11.07 -40.41 -35.33
C ILE A 71 9.93 -39.74 -34.59
N PHE A 72 8.98 -40.51 -34.06
CA PHE A 72 7.90 -39.93 -33.26
C PHE A 72 8.45 -39.25 -32.01
N ILE A 73 9.58 -39.73 -31.50
CA ILE A 73 10.24 -39.03 -30.40
C ILE A 73 10.65 -37.64 -30.83
N TYR A 74 11.33 -37.54 -31.97
CA TYR A 74 11.67 -36.23 -32.54
C TYR A 74 10.43 -35.36 -32.71
N LEU A 75 9.36 -35.97 -33.23
CA LEU A 75 8.14 -35.21 -33.51
C LEU A 75 7.54 -34.64 -32.23
N LEU A 76 7.30 -35.50 -31.23
CA LEU A 76 6.72 -35.07 -29.98
C LEU A 76 7.61 -34.08 -29.25
N LEU A 77 8.94 -34.24 -29.35
CA LEU A 77 9.82 -33.34 -28.64
C LEU A 77 9.90 -31.98 -29.32
N MET A 78 9.88 -31.95 -30.65
CA MET A 78 9.77 -30.67 -31.34
C MET A 78 8.43 -30.00 -31.06
N ALA A 79 7.37 -30.79 -30.91
CA ALA A 79 6.07 -30.23 -30.57
C ALA A 79 6.09 -29.60 -29.18
N VAL A 80 6.60 -30.32 -28.20
CA VAL A 80 6.68 -29.76 -26.85
C VAL A 80 7.67 -28.60 -26.82
N ALA A 81 8.64 -28.58 -27.74
CA ALA A 81 9.57 -27.46 -27.81
C ALA A 81 8.87 -26.20 -28.30
N VAL A 82 8.08 -26.32 -29.37
CA VAL A 82 7.38 -25.14 -29.86
C VAL A 82 6.32 -24.71 -28.84
N PHE A 83 5.70 -25.67 -28.15
CA PHE A 83 4.76 -25.33 -27.09
C PHE A 83 5.46 -24.58 -25.97
N LEU A 84 6.66 -25.00 -25.58
CA LEU A 84 7.35 -24.38 -24.47
C LEU A 84 7.87 -23.00 -24.84
N VAL A 85 8.35 -22.83 -26.07
CA VAL A 85 8.78 -21.49 -26.48
C VAL A 85 7.58 -20.56 -26.60
N TYR A 86 6.42 -21.09 -27.01
CA TYR A 86 5.20 -20.28 -27.05
C TYR A 86 4.80 -19.84 -25.64
N ARG A 87 4.79 -20.78 -24.69
CA ARG A 87 4.43 -20.44 -23.32
C ARG A 87 5.42 -19.45 -22.72
N THR A 88 6.71 -19.65 -22.96
CA THR A 88 7.71 -18.73 -22.42
C THR A 88 7.57 -17.34 -23.04
N ILE A 89 7.28 -17.30 -24.34
CA ILE A 89 7.11 -15.99 -25.04
C ILE A 89 5.90 -15.27 -24.43
N THR A 90 4.76 -15.96 -24.29
CA THR A 90 3.57 -15.30 -23.78
C THR A 90 3.74 -14.90 -22.32
N ASP A 91 4.45 -15.70 -21.52
CA ASP A 91 4.70 -15.31 -20.15
C ASP A 91 5.66 -14.14 -20.06
N PHE A 92 6.63 -14.05 -20.99
CA PHE A 92 7.51 -12.89 -21.00
C PHE A 92 6.75 -11.64 -21.42
N ARG A 93 5.83 -11.77 -22.38
CA ARG A 93 4.97 -10.65 -22.74
C ARG A 93 4.15 -10.19 -21.54
N GLU A 94 3.60 -11.15 -20.78
CA GLU A 94 2.81 -10.81 -19.61
C GLU A 94 3.66 -10.10 -18.56
N LYS A 95 4.77 -10.70 -18.17
CA LYS A 95 5.62 -10.11 -17.13
C LYS A 95 6.27 -8.82 -17.60
N LEU A 96 6.29 -8.57 -18.90
CA LEU A 96 6.76 -7.28 -19.40
C LEU A 96 5.64 -6.24 -19.39
N LYS A 97 4.39 -6.70 -19.51
CA LYS A 97 3.26 -5.79 -19.48
C LYS A 97 3.21 -5.01 -18.17
N HIS A 98 3.08 -5.72 -17.06
CA HIS A 98 2.98 -5.09 -15.73
C HIS A 98 4.06 -5.63 -14.81
N PRO A 99 5.02 -4.80 -14.39
CA PRO A 99 6.09 -5.28 -13.52
C PRO A 99 5.64 -5.45 -12.08
N VAL A 100 6.60 -5.88 -11.25
CA VAL A 100 6.33 -6.15 -9.85
C VAL A 100 6.88 -5.03 -8.98
N MET A 101 6.09 -4.60 -8.00
CA MET A 101 6.47 -3.53 -7.08
C MET A 101 7.34 -4.11 -5.97
N SER A 102 8.08 -3.23 -5.29
CA SER A 102 8.99 -3.63 -4.22
C SER A 102 9.25 -2.44 -3.33
N VAL A 103 8.91 -2.58 -2.04
CA VAL A 103 9.03 -1.51 -1.07
C VAL A 103 10.26 -1.77 -0.21
N SER A 104 10.95 -0.69 0.15
CA SER A 104 12.07 -0.76 1.08
C SER A 104 12.09 0.54 1.88
N TYR A 105 12.42 0.42 3.16
CA TYR A 105 12.43 1.56 4.06
C TYR A 105 13.87 1.91 4.40
N LYS A 106 14.27 3.14 4.09
CA LYS A 106 15.62 3.63 4.36
C LYS A 106 15.53 4.68 5.45
N GLU A 107 15.86 4.28 6.68
CA GLU A 107 15.89 5.22 7.79
C GLU A 107 16.91 6.31 7.51
N VAL A 108 16.53 7.55 7.75
CA VAL A 108 17.40 8.70 7.52
C VAL A 108 17.76 9.32 8.86
N ASP A 109 18.99 9.83 8.95
CA ASP A 109 19.43 10.47 10.19
C ASP A 109 18.59 11.71 10.49
N ARG A 110 18.41 12.57 9.48
CA ARG A 110 17.59 13.76 9.62
C ARG A 110 17.08 14.16 8.25
N TYR A 111 15.83 14.61 8.18
CA TYR A 111 15.22 14.88 6.89
C TYR A 111 15.76 16.18 6.30
N ASP A 112 15.63 16.30 4.98
CA ASP A 112 15.84 17.58 4.33
C ASP A 112 14.60 18.44 4.47
N ALA A 113 14.78 19.64 5.02
CA ALA A 113 13.70 20.54 5.39
C ALA A 113 12.67 20.68 4.28
N PRO A 114 11.45 20.17 4.47
CA PRO A 114 10.44 20.26 3.43
C PRO A 114 9.92 21.68 3.28
N GLY A 115 9.10 21.88 2.25
CA GLY A 115 8.56 23.17 1.95
C GLY A 115 7.05 23.14 1.98
N ILE A 116 6.47 23.87 2.92
CA ILE A 116 5.04 23.86 3.15
C ILE A 116 4.45 25.07 2.44
N ALA A 117 3.80 24.82 1.31
CA ALA A 117 3.29 25.88 0.45
C ALA A 117 1.85 26.17 0.84
N LEU A 118 1.67 26.80 2.00
CA LEU A 118 0.34 27.20 2.42
C LEU A 118 -0.21 28.26 1.49
N TYR A 119 -1.54 28.26 1.32
CA TYR A 119 -2.24 29.23 0.47
C TYR A 119 -3.23 30.00 1.33
N PRO A 120 -2.75 30.88 2.21
CA PRO A 120 -3.68 31.54 3.13
C PRO A 120 -4.64 32.49 2.43
N GLY A 121 -4.22 33.11 1.34
CA GLY A 121 -5.03 34.14 0.72
C GLY A 121 -5.08 35.39 1.57
N GLN A 122 -6.23 35.65 2.18
CA GLN A 122 -6.38 36.84 3.01
C GLN A 122 -6.01 36.59 4.47
N ALA A 123 -6.09 35.34 4.93
CA ALA A 123 -5.85 35.02 6.32
C ALA A 123 -4.39 35.25 6.68
N GLN A 124 -4.13 36.30 7.45
CA GLN A 124 -2.78 36.52 7.97
C GLN A 124 -2.46 35.44 9.00
N LEU A 125 -1.19 35.04 9.04
CA LEU A 125 -0.72 34.02 9.96
C LEU A 125 -0.18 34.70 11.21
N LEU A 126 -0.47 34.10 12.36
CA LEU A 126 -0.02 34.71 13.61
C LEU A 126 1.41 34.33 13.94
N SER A 127 1.67 33.03 14.15
CA SER A 127 2.93 32.62 14.76
C SER A 127 3.53 31.42 14.06
N CYS A 128 4.82 31.24 14.29
CA CYS A 128 5.57 30.04 13.95
C CYS A 128 6.38 29.64 15.17
N LYS A 129 6.49 28.33 15.40
CA LYS A 129 7.37 27.88 16.48
C LYS A 129 7.72 26.42 16.25
N HIS A 130 8.97 26.16 15.90
CA HIS A 130 9.46 24.79 15.94
C HIS A 130 9.52 24.32 17.38
N HIS A 131 9.30 23.03 17.59
CA HIS A 131 9.27 22.49 18.95
C HIS A 131 9.87 21.10 18.93
N TYR A 132 11.15 21.01 19.30
CA TYR A 132 11.78 19.71 19.46
C TYR A 132 11.03 18.87 20.49
N GLU A 133 10.39 19.52 21.46
CA GLU A 133 9.55 18.82 22.40
C GLU A 133 8.37 18.17 21.67
N VAL A 134 7.96 17.01 22.17
CA VAL A 134 6.88 16.26 21.55
C VAL A 134 5.54 16.99 21.61
N ILE A 135 5.43 18.02 22.43
CA ILE A 135 4.18 18.75 22.63
C ILE A 135 4.46 20.23 22.45
N PRO A 136 3.67 20.96 21.66
CA PRO A 136 3.81 22.41 21.61
C PRO A 136 3.25 23.04 22.87
N PRO A 137 4.06 23.84 23.57
CA PRO A 137 3.59 24.47 24.81
C PRO A 137 2.35 25.34 24.58
N LEU A 138 1.76 25.76 25.69
CA LEU A 138 0.45 26.40 25.67
C LEU A 138 0.51 27.71 24.89
N THR A 139 -0.43 27.87 23.96
CA THR A 139 -0.46 29.02 23.07
C THR A 139 -1.28 30.15 23.67
N SER A 140 -1.30 31.28 22.96
CA SER A 140 -2.11 32.44 23.34
C SER A 140 -2.82 32.96 22.10
N PRO A 141 -4.12 32.70 21.97
CA PRO A 141 -4.82 32.99 20.72
C PRO A 141 -5.01 34.47 20.50
N GLY A 142 -5.30 34.81 19.24
CA GLY A 142 -5.59 36.18 18.85
C GLY A 142 -4.42 37.13 18.91
N GLN A 143 -3.25 36.68 19.35
CA GLN A 143 -2.08 37.54 19.48
C GLN A 143 -1.10 37.23 18.35
N PRO A 144 -0.85 38.17 17.44
CA PRO A 144 0.12 37.92 16.37
C PRO A 144 1.55 37.89 16.90
N GLY A 145 2.51 37.73 16.00
CA GLY A 145 3.91 37.70 16.37
C GLY A 145 4.41 36.31 16.69
N ASP A 146 5.50 36.27 17.45
CA ASP A 146 6.17 35.03 17.86
C ASP A 146 6.65 34.19 16.68
N MET A 147 6.66 34.76 15.48
CA MET A 147 7.06 34.03 14.28
C MET A 147 8.56 33.75 14.33
N ASN A 148 8.94 32.50 14.13
CA ASN A 148 10.35 32.12 14.01
C ASN A 148 10.54 31.15 12.85
N CYS A 149 9.76 31.34 11.78
CA CYS A 149 9.89 30.58 10.56
C CYS A 149 10.97 31.20 9.68
N THR A 150 11.49 30.40 8.75
CA THR A 150 12.23 30.95 7.62
C THR A 150 11.26 31.08 6.44
N THR A 151 10.16 31.77 6.72
CA THR A 151 9.06 31.87 5.78
C THR A 151 9.45 32.69 4.55
N GLN A 152 8.66 32.54 3.49
CA GLN A 152 8.89 33.27 2.25
C GLN A 152 7.59 33.25 1.46
N ARG A 153 7.02 34.42 1.21
CA ARG A 153 5.79 34.53 0.42
C ARG A 153 6.15 34.66 -1.05
N ILE A 154 5.52 33.85 -1.89
CA ILE A 154 5.83 33.78 -3.32
C ILE A 154 4.53 33.67 -4.11
N ASN A 155 4.46 34.42 -5.21
CA ASN A 155 3.32 34.40 -6.11
C ASN A 155 3.63 33.58 -7.36
N TYR A 156 2.56 33.17 -8.04
CA TYR A 156 2.65 32.48 -9.32
C TYR A 156 1.24 32.33 -9.85
N THR A 157 1.15 31.75 -11.05
CA THR A 157 -0.12 31.54 -11.73
C THR A 157 -0.46 30.06 -11.72
N ASP A 158 -1.68 29.74 -11.34
CA ASP A 158 -2.11 28.36 -11.23
C ASP A 158 -1.98 27.65 -12.57
N PRO A 159 -1.06 26.69 -12.71
CA PRO A 159 -0.91 26.00 -14.02
C PRO A 159 -2.20 25.36 -14.50
N PHE A 160 -3.09 24.99 -13.58
CA PHE A 160 -4.38 24.44 -13.97
C PHE A 160 -5.21 25.47 -14.73
N SER A 161 -5.22 26.72 -14.28
CA SER A 161 -6.10 27.75 -14.83
C SER A 161 -5.36 28.79 -15.66
N ASN A 162 -4.31 29.39 -15.10
CA ASN A 162 -3.66 30.58 -15.66
C ASN A 162 -4.64 31.74 -15.76
N GLN A 163 -5.74 31.67 -15.01
CA GLN A 163 -6.74 32.72 -15.01
C GLN A 163 -6.85 33.44 -13.67
N THR A 164 -6.09 33.03 -12.66
CA THR A 164 -6.17 33.65 -11.34
C THR A 164 -4.87 33.44 -10.62
N VAL A 165 -4.24 34.53 -10.16
CA VAL A 165 -3.03 34.42 -9.37
C VAL A 165 -3.37 33.95 -7.96
N LYS A 166 -2.68 32.91 -7.51
CA LYS A 166 -2.91 32.32 -6.20
C LYS A 166 -1.74 32.66 -5.29
N SER A 167 -1.92 33.67 -4.45
CA SER A 167 -0.89 34.02 -3.47
C SER A 167 -0.59 32.82 -2.58
N ALA A 168 0.69 32.64 -2.26
CA ALA A 168 1.13 31.49 -1.49
C ALA A 168 1.96 31.95 -0.31
N LEU A 169 2.55 30.99 0.38
CA LEU A 169 3.41 31.22 1.52
C LEU A 169 4.16 29.93 1.79
N ILE A 170 5.48 30.03 1.89
CA ILE A 170 6.34 28.86 2.02
C ILE A 170 6.93 28.86 3.42
N VAL A 171 7.03 27.67 4.01
CA VAL A 171 7.55 27.49 5.36
C VAL A 171 8.56 26.36 5.32
N GLN A 172 9.66 26.54 6.06
CA GLN A 172 10.66 25.49 6.22
C GLN A 172 10.19 24.52 7.29
N GLY A 173 9.77 23.32 6.89
CA GLY A 173 9.21 22.37 7.80
C GLY A 173 10.23 21.84 8.78
N PRO A 174 9.85 20.80 9.51
CA PRO A 174 10.77 20.23 10.50
C PRO A 174 11.82 19.36 9.86
N ARG A 175 12.97 19.26 10.51
CA ARG A 175 14.11 18.53 10.00
C ARG A 175 14.47 17.32 10.83
N GLU A 176 14.49 17.44 12.16
CA GLU A 176 15.02 16.42 13.04
C GLU A 176 13.89 15.50 13.51
N VAL A 177 13.69 14.40 12.79
CA VAL A 177 12.64 13.45 13.14
C VAL A 177 12.93 12.75 14.46
N LYS A 178 14.18 12.35 14.70
CA LYS A 178 14.51 11.70 15.96
C LYS A 178 14.37 12.66 17.14
N LYS A 179 14.64 13.94 16.91
CA LYS A 179 14.38 14.94 17.94
C LYS A 179 12.91 15.34 17.98
N ARG A 180 12.09 14.88 17.02
CA ARG A 180 10.64 15.10 17.03
C ARG A 180 10.30 16.57 16.90
N GLU A 181 11.11 17.30 16.13
CA GLU A 181 10.80 18.70 15.84
C GLU A 181 9.49 18.80 15.07
N LEU A 182 8.77 19.90 15.29
CA LEU A 182 7.45 20.06 14.68
C LEU A 182 7.12 21.54 14.54
N VAL A 183 6.84 21.96 13.32
CA VAL A 183 6.36 23.30 13.05
C VAL A 183 4.94 23.44 13.58
N PHE A 184 4.68 24.53 14.29
CA PHE A 184 3.36 24.81 14.82
C PHE A 184 2.94 26.20 14.34
N LEU A 185 2.02 26.24 13.37
CA LEU A 185 1.57 27.49 12.79
C LEU A 185 0.33 27.96 13.52
N GLN A 186 -0.04 29.22 13.28
CA GLN A 186 -1.30 29.79 13.76
C GLN A 186 -1.77 30.78 12.72
N PHE A 187 -3.08 30.84 12.49
CA PHE A 187 -3.66 31.72 11.50
C PHE A 187 -4.89 32.40 12.05
N ARG A 188 -5.36 33.41 11.34
CA ARG A 188 -6.59 34.12 11.68
C ARG A 188 -7.29 34.56 10.41
N LEU A 189 -8.61 34.42 10.41
CA LEU A 189 -9.48 34.93 9.35
C LEU A 189 -10.60 35.71 10.03
N ASN A 190 -10.36 37.00 10.25
CA ASN A 190 -11.35 37.84 10.88
C ASN A 190 -12.62 37.86 10.02
N LYS A 191 -13.77 37.73 10.69
CA LYS A 191 -15.00 37.22 10.10
C LYS A 191 -15.22 37.68 8.67
N SER A 192 -15.46 36.72 7.79
CA SER A 192 -15.67 36.99 6.36
C SER A 192 -16.86 36.20 5.83
N SER A 193 -17.03 36.18 4.51
CA SER A 193 -18.17 35.52 3.90
C SER A 193 -17.78 34.21 3.21
N GLU A 194 -16.79 33.51 3.77
CA GLU A 194 -16.33 32.27 3.16
C GLU A 194 -17.27 31.10 3.41
N ASP A 195 -17.92 31.07 4.58
CA ASP A 195 -18.91 30.06 4.95
C ASP A 195 -18.27 28.71 5.23
N PHE A 196 -16.98 28.58 4.91
CA PHE A 196 -16.24 27.35 5.21
C PHE A 196 -14.76 27.74 5.28
N SER A 197 -14.24 27.86 6.50
CA SER A 197 -12.88 28.30 6.72
C SER A 197 -11.91 27.16 6.43
N ALA A 198 -11.12 27.31 5.37
CA ALA A 198 -10.16 26.27 4.98
C ALA A 198 -8.96 26.94 4.33
N ILE A 199 -7.76 26.57 4.77
CA ILE A 199 -6.53 27.07 4.18
C ILE A 199 -5.77 25.87 3.63
N ASP A 200 -5.77 25.72 2.31
CA ASP A 200 -5.09 24.60 1.69
C ASP A 200 -3.58 24.85 1.63
N TYR A 201 -2.82 23.77 1.60
CA TYR A 201 -1.37 23.86 1.59
C TYR A 201 -0.81 22.80 0.64
N LEU A 202 0.50 22.63 0.71
CA LEU A 202 1.22 21.83 -0.26
C LEU A 202 2.61 21.55 0.29
N LEU A 203 3.16 20.40 -0.07
CA LEU A 203 4.45 19.99 0.46
C LEU A 203 5.38 19.59 -0.68
N PHE A 204 6.53 20.25 -0.77
CA PHE A 204 7.63 19.76 -1.59
C PHE A 204 8.79 19.35 -0.69
N SER A 205 9.76 18.65 -1.28
CA SER A 205 10.64 17.80 -0.50
C SER A 205 11.70 18.59 0.25
N SER A 206 12.40 19.50 -0.42
CA SER A 206 13.52 20.19 0.20
C SER A 206 13.42 21.68 -0.07
N PHE A 207 13.33 22.45 1.02
CA PHE A 207 13.15 23.90 1.01
C PHE A 207 14.36 24.65 0.46
N GLN A 208 15.57 24.20 0.82
CA GLN A 208 16.78 24.86 0.33
C GLN A 208 16.87 24.79 -1.18
N GLU A 209 16.43 23.68 -1.78
CA GLU A 209 16.37 23.60 -3.23
C GLU A 209 15.47 24.68 -3.80
N PHE A 210 14.34 24.94 -3.14
CA PHE A 210 13.46 26.00 -3.60
C PHE A 210 14.13 27.36 -3.48
N LEU A 211 14.84 27.59 -2.37
CA LEU A 211 15.53 28.87 -2.20
C LEU A 211 16.58 29.07 -3.29
N GLN A 212 17.30 28.00 -3.62
CA GLN A 212 18.45 28.13 -4.52
C GLN A 212 18.07 27.98 -5.99
N SER A 213 16.97 27.29 -6.29
CA SER A 213 16.60 27.02 -7.68
C SER A 213 16.41 28.32 -8.45
N PRO A 214 16.61 28.29 -9.77
CA PRO A 214 16.38 29.48 -10.59
C PRO A 214 14.93 29.54 -11.08
N ASN A 215 14.40 30.76 -11.06
CA ASN A 215 13.02 31.03 -11.46
C ASN A 215 12.05 30.09 -10.72
N ARG A 216 12.04 30.21 -9.39
CA ARG A 216 11.17 29.36 -8.59
C ARG A 216 9.70 29.64 -8.87
N VAL A 217 9.39 30.74 -9.56
CA VAL A 217 8.01 31.02 -9.96
C VAL A 217 7.45 29.88 -10.80
N GLY A 218 8.32 29.15 -11.51
CA GLY A 218 7.88 28.03 -12.31
C GLY A 218 8.09 26.71 -11.60
N PHE A 219 9.12 26.67 -10.75
CA PHE A 219 9.32 25.50 -9.90
C PHE A 219 8.11 25.26 -9.01
N MET A 220 7.44 26.33 -8.58
CA MET A 220 6.25 26.19 -7.77
C MET A 220 5.09 25.61 -8.55
N GLN A 221 4.91 26.02 -9.80
CA GLN A 221 3.89 25.39 -10.64
C GLN A 221 4.21 23.92 -10.87
N ALA A 222 5.49 23.61 -11.09
CA ALA A 222 5.90 22.21 -11.22
C ALA A 222 5.53 21.41 -9.98
N CYS A 223 5.76 21.98 -8.79
CA CYS A 223 5.39 21.31 -7.56
C CYS A 223 3.88 21.12 -7.48
N GLU A 224 3.12 22.20 -7.68
CA GLU A 224 1.67 22.13 -7.61
C GLU A 224 1.11 21.07 -8.55
N SER A 225 1.73 20.88 -9.71
CA SER A 225 1.29 19.83 -10.61
C SER A 225 1.77 18.45 -10.16
N ALA A 226 2.94 18.37 -9.52
CA ALA A 226 3.49 17.08 -9.12
C ALA A 226 2.84 16.56 -7.85
N TYR A 227 2.86 17.34 -6.79
CA TYR A 227 2.30 16.92 -5.51
C TYR A 227 0.79 17.17 -5.52
N SER A 228 0.14 16.98 -4.38
CA SER A 228 -1.29 17.21 -4.23
C SER A 228 -1.55 18.17 -3.08
N SER A 229 -2.58 18.99 -3.24
CA SER A 229 -2.86 20.08 -2.32
C SER A 229 -4.10 19.75 -1.49
N TRP A 230 -3.88 19.34 -0.25
CA TRP A 230 -4.94 19.01 0.68
C TRP A 230 -5.03 20.08 1.75
N LYS A 231 -6.25 20.50 2.06
CA LYS A 231 -6.48 21.62 2.96
C LYS A 231 -6.53 21.16 4.40
N PHE A 232 -6.07 22.02 5.30
CA PHE A 232 -6.30 21.85 6.73
C PHE A 232 -7.45 22.76 7.13
N SER A 233 -8.30 22.25 8.04
CA SER A 233 -9.54 22.93 8.34
C SER A 233 -9.33 24.16 9.20
N GLY A 234 -10.43 24.81 9.52
CA GLY A 234 -10.41 26.00 10.35
C GLY A 234 -11.32 25.91 11.55
N GLY A 235 -10.73 25.94 12.74
CA GLY A 235 -11.51 25.82 13.95
C GLY A 235 -10.97 24.74 14.88
N PHE A 236 -9.96 24.01 14.41
CA PHE A 236 -9.32 23.01 15.25
C PHE A 236 -7.94 22.69 14.72
N ARG A 237 -7.06 22.26 15.64
CA ARG A 237 -5.67 21.99 15.32
C ARG A 237 -5.56 20.67 14.56
N THR A 238 -4.88 20.70 13.41
CA THR A 238 -4.71 19.54 12.55
C THR A 238 -3.26 19.08 12.65
N TRP A 239 -3.02 18.01 13.40
CA TRP A 239 -1.68 17.48 13.55
C TRP A 239 -1.29 16.68 12.32
N VAL A 240 -0.67 17.35 11.36
CA VAL A 240 -0.30 16.74 10.07
C VAL A 240 1.02 16.02 10.29
N LYS A 241 1.01 14.70 10.15
CA LYS A 241 2.22 13.90 10.29
C LYS A 241 2.71 13.51 8.91
N MET A 242 3.53 14.36 8.30
CA MET A 242 4.04 14.11 6.96
C MET A 242 4.91 12.86 6.93
N SER A 243 5.13 12.36 5.72
CA SER A 243 5.99 11.21 5.48
C SER A 243 6.26 11.13 3.99
N LEU A 244 7.49 10.78 3.62
CA LEU A 244 7.90 10.78 2.23
C LEU A 244 7.79 9.39 1.61
N VAL A 245 7.66 9.38 0.28
CA VAL A 245 7.82 8.17 -0.53
C VAL A 245 8.60 8.52 -1.78
N LYS A 246 9.86 8.11 -1.83
CA LYS A 246 10.74 8.33 -2.98
C LYS A 246 10.51 7.18 -3.95
N THR A 247 9.45 7.26 -4.74
CA THR A 247 9.14 6.24 -5.73
C THR A 247 10.00 6.43 -6.95
N LYS A 248 10.46 5.33 -7.53
CA LYS A 248 11.36 5.35 -8.69
C LYS A 248 10.64 4.70 -9.87
N GLU A 249 10.24 5.51 -10.84
CA GLU A 249 9.81 4.97 -12.12
C GLU A 249 11.01 4.29 -12.79
N GLU A 250 10.73 3.30 -13.63
CA GLU A 250 11.82 2.50 -14.18
C GLU A 250 12.67 3.28 -15.18
N ASP A 251 12.15 4.39 -15.72
CA ASP A 251 12.91 5.17 -16.68
C ASP A 251 13.92 6.08 -15.99
N GLY A 252 14.75 5.50 -15.12
CA GLY A 252 15.82 6.22 -14.46
C GLY A 252 15.43 7.53 -13.81
N ARG A 253 14.38 7.53 -13.01
CA ARG A 253 13.91 8.74 -12.34
C ARG A 253 13.54 8.42 -10.90
N GLU A 254 13.52 9.46 -10.06
CA GLU A 254 13.15 9.34 -8.66
C GLU A 254 12.10 10.40 -8.35
N ALA A 255 10.90 9.95 -8.01
CA ALA A 255 9.78 10.85 -7.76
C ALA A 255 9.51 10.89 -6.26
N VAL A 256 9.46 12.10 -5.71
CA VAL A 256 9.23 12.30 -4.29
C VAL A 256 7.80 12.76 -4.07
N GLU A 257 7.04 12.00 -3.29
CA GLU A 257 5.64 12.26 -3.02
C GLU A 257 5.41 12.28 -1.52
N PHE A 258 4.55 13.19 -1.06
CA PHE A 258 4.19 13.29 0.34
C PHE A 258 2.88 12.57 0.60
N ARG A 259 2.89 11.65 1.57
CA ARG A 259 1.70 10.97 2.05
C ARG A 259 1.58 11.25 3.54
N GLN A 260 0.60 12.06 3.92
CA GLN A 260 0.48 12.51 5.30
C GLN A 260 -0.78 11.93 5.92
N GLU A 261 -0.78 11.85 7.24
CA GLU A 261 -1.91 11.38 8.02
C GLU A 261 -2.31 12.47 9.01
N THR A 262 -3.31 13.26 8.65
CA THR A 262 -3.84 14.29 9.52
C THR A 262 -4.51 13.66 10.73
N SER A 263 -4.65 14.45 11.79
CA SER A 263 -5.39 14.05 12.99
C SER A 263 -5.87 15.32 13.66
N VAL A 264 -7.14 15.66 13.43
CA VAL A 264 -7.67 16.92 13.91
C VAL A 264 -7.95 16.83 15.40
N VAL A 265 -7.77 17.96 16.09
CA VAL A 265 -8.04 18.08 17.52
C VAL A 265 -8.85 19.34 17.74
N ASN A 266 -10.04 19.19 18.30
CA ASN A 266 -10.96 20.32 18.41
C ASN A 266 -10.37 21.43 19.28
N TYR A 267 -10.69 22.66 18.92
CA TYR A 267 -10.25 23.84 19.65
C TYR A 267 -11.34 24.28 20.61
N ILE A 268 -11.00 24.33 21.90
CA ILE A 268 -11.92 24.80 22.92
C ILE A 268 -11.85 26.32 22.91
N ASP A 269 -12.86 26.95 22.30
CA ASP A 269 -12.89 28.40 22.17
C ASP A 269 -13.37 29.10 23.43
N GLN A 270 -13.52 28.35 24.53
CA GLN A 270 -13.92 28.97 25.80
C GLN A 270 -12.81 29.86 26.37
N ARG A 271 -11.58 29.74 25.86
CA ARG A 271 -10.51 30.59 26.37
C ARG A 271 -10.66 32.03 25.90
N PRO A 272 -10.86 32.34 24.61
CA PRO A 272 -11.19 33.72 24.24
C PRO A 272 -12.55 34.14 24.79
N ALA A 273 -13.59 33.38 24.43
CA ALA A 273 -14.95 33.59 24.90
C ALA A 273 -15.36 35.06 24.81
N ALA A 274 -15.33 35.59 23.59
CA ALA A 274 -15.61 36.99 23.35
C ALA A 274 -16.73 37.11 22.31
N LYS A 275 -16.99 38.34 21.90
CA LYS A 275 -18.00 38.63 20.89
C LYS A 275 -17.41 38.76 19.50
N LYS A 276 -16.09 38.65 19.37
CA LYS A 276 -15.47 38.72 18.05
C LYS A 276 -15.68 37.42 17.28
N SER A 277 -15.35 36.29 17.91
CA SER A 277 -15.51 34.96 17.30
C SER A 277 -14.91 34.91 15.90
N ALA A 278 -13.67 35.39 15.78
CA ALA A 278 -12.96 35.41 14.51
C ALA A 278 -12.35 34.04 14.27
N GLN A 279 -12.42 33.58 13.02
CA GLN A 279 -11.90 32.25 12.68
C GLN A 279 -10.39 32.24 12.79
N LEU A 280 -9.86 31.19 13.41
CA LEU A 280 -8.42 31.06 13.63
C LEU A 280 -8.03 29.60 13.44
N PHE A 281 -6.93 29.38 12.72
CA PHE A 281 -6.52 28.07 12.28
C PHE A 281 -5.22 27.65 12.96
N PHE A 282 -5.11 26.37 13.27
CA PHE A 282 -3.93 25.82 13.90
C PHE A 282 -3.45 24.62 13.11
N VAL A 283 -2.14 24.51 12.95
CA VAL A 283 -1.53 23.38 12.25
C VAL A 283 -0.33 22.90 13.05
N VAL A 284 0.02 21.64 12.84
CA VAL A 284 1.26 21.06 13.37
C VAL A 284 1.82 20.21 12.24
N PHE A 285 3.03 20.53 11.79
CA PHE A 285 3.68 19.75 10.74
C PHE A 285 4.81 18.95 11.38
N GLU A 286 4.73 17.63 11.26
CA GLU A 286 5.67 16.74 11.92
C GLU A 286 6.10 15.67 10.94
N TRP A 287 7.21 15.00 11.24
CA TRP A 287 7.66 13.85 10.48
C TRP A 287 7.18 12.60 11.19
N LYS A 288 6.40 11.78 10.49
CA LYS A 288 5.77 10.63 11.11
C LYS A 288 6.82 9.65 11.64
N ASP A 289 7.62 9.08 10.75
CA ASP A 289 8.61 8.10 11.13
C ASP A 289 9.95 8.52 10.55
N PRO A 290 11.06 8.09 11.16
CA PRO A 290 12.37 8.41 10.59
C PRO A 290 12.69 7.67 9.32
N PHE A 291 11.75 6.91 8.76
CA PHE A 291 11.99 6.14 7.56
C PHE A 291 11.49 6.88 6.33
N ILE A 292 11.92 6.40 5.17
CA ILE A 292 11.49 6.95 3.88
C ILE A 292 11.09 5.75 3.02
N GLN A 293 9.79 5.45 3.00
CA GLN A 293 9.27 4.37 2.17
C GLN A 293 9.55 4.64 0.70
N LYS A 294 10.53 3.95 0.12
CA LYS A 294 10.85 4.10 -1.30
C LYS A 294 10.43 2.85 -2.04
N VAL A 295 9.58 3.02 -3.06
CA VAL A 295 9.02 1.92 -3.82
C VAL A 295 9.49 2.03 -5.26
N GLN A 296 9.95 0.91 -5.82
CA GLN A 296 10.37 0.87 -7.21
C GLN A 296 9.80 -0.37 -7.87
N ASP A 297 9.14 -0.19 -9.01
CA ASP A 297 8.59 -1.30 -9.77
C ASP A 297 9.74 -2.10 -10.36
N ILE A 298 9.95 -3.30 -9.82
CA ILE A 298 11.00 -4.19 -10.32
C ILE A 298 10.50 -4.89 -11.57
N VAL A 299 11.27 -4.82 -12.64
CA VAL A 299 10.96 -5.56 -13.87
C VAL A 299 11.25 -7.03 -13.57
N THR A 300 10.19 -7.83 -13.45
CA THR A 300 10.38 -9.22 -13.06
C THR A 300 10.83 -10.10 -14.22
N ALA A 301 10.78 -9.60 -15.45
CA ALA A 301 11.20 -10.35 -16.63
C ALA A 301 12.29 -9.59 -17.34
N ASN A 302 13.54 -10.04 -17.19
CA ASN A 302 14.67 -9.48 -17.94
C ASN A 302 14.83 -10.26 -19.22
N PRO A 303 15.40 -9.68 -20.28
CA PRO A 303 15.53 -10.42 -21.54
C PRO A 303 16.58 -11.51 -21.49
N TRP A 304 17.27 -11.65 -20.37
CA TRP A 304 18.38 -12.61 -20.26
C TRP A 304 18.02 -13.87 -19.48
N ASN A 305 17.45 -13.74 -18.29
CA ASN A 305 17.11 -14.94 -17.51
C ASN A 305 15.95 -15.71 -18.10
N THR A 306 15.43 -15.30 -19.26
CA THR A 306 14.41 -16.08 -19.94
C THR A 306 14.98 -16.81 -21.16
N ILE A 307 15.87 -16.17 -21.92
CA ILE A 307 16.47 -16.85 -23.06
C ILE A 307 17.42 -17.94 -22.59
N ALA A 308 18.09 -17.73 -21.45
CA ALA A 308 18.93 -18.78 -20.89
C ALA A 308 18.10 -20.00 -20.49
N LEU A 309 16.92 -19.77 -19.93
CA LEU A 309 16.05 -20.87 -19.55
C LEU A 309 15.49 -21.56 -20.78
N LEU A 310 15.16 -20.80 -21.82
CA LEU A 310 14.70 -21.40 -23.07
C LEU A 310 15.79 -22.27 -23.68
N CYS A 311 17.04 -21.82 -23.63
CA CYS A 311 18.14 -22.63 -24.14
C CYS A 311 18.35 -23.88 -23.29
N GLY A 312 18.21 -23.74 -21.96
CA GLY A 312 18.30 -24.92 -21.11
C GLY A 312 17.24 -25.94 -21.43
N ALA A 313 16.02 -25.49 -21.72
CA ALA A 313 14.96 -26.43 -22.07
C ALA A 313 15.20 -27.04 -23.45
N PHE A 314 15.67 -26.23 -24.39
CA PHE A 314 16.04 -26.77 -25.71
C PHE A 314 17.10 -27.85 -25.58
N LEU A 315 18.08 -27.65 -24.70
CA LEU A 315 19.11 -28.66 -24.51
C LEU A 315 18.55 -29.89 -23.82
N ALA A 316 17.67 -29.69 -22.85
CA ALA A 316 17.00 -30.83 -22.23
C ALA A 316 16.30 -31.67 -23.28
N LEU A 317 15.64 -31.01 -24.23
CA LEU A 317 14.94 -31.73 -25.28
C LEU A 317 15.91 -32.39 -26.27
N PHE A 318 17.04 -31.74 -26.55
CA PHE A 318 18.04 -32.36 -27.42
C PHE A 318 18.62 -33.62 -26.78
N LYS A 319 18.96 -33.52 -25.50
CA LYS A 319 19.51 -34.68 -24.76
C LYS A 319 18.42 -35.77 -24.72
N ALA A 320 17.16 -35.37 -24.54
CA ALA A 320 16.08 -36.34 -24.53
C ALA A 320 15.95 -37.03 -25.88
N ALA A 321 16.14 -36.29 -26.98
CA ALA A 321 16.12 -36.91 -28.30
C ALA A 321 17.28 -37.87 -28.48
N GLU A 322 18.44 -37.53 -27.91
CA GLU A 322 19.58 -38.45 -27.95
C GLU A 322 19.28 -39.71 -27.17
N PHE A 323 18.74 -39.58 -25.96
CA PHE A 323 18.33 -40.74 -25.19
C PHE A 323 17.25 -41.53 -25.91
N ALA A 324 16.43 -40.85 -26.72
CA ALA A 324 15.40 -41.56 -27.48
C ALA A 324 16.01 -42.34 -28.63
N LYS A 325 17.04 -41.79 -29.26
CA LYS A 325 17.78 -42.56 -30.26
C LYS A 325 18.43 -43.78 -29.61
N LEU A 326 18.96 -43.61 -28.41
CA LEU A 326 19.51 -44.74 -27.66
C LEU A 326 18.44 -45.78 -27.37
N SER A 327 17.24 -45.33 -26.98
CA SER A 327 16.14 -46.25 -26.72
C SER A 327 15.69 -46.95 -27.98
N ILE A 328 15.74 -46.27 -29.13
CA ILE A 328 15.42 -46.91 -30.40
C ILE A 328 16.46 -47.97 -30.74
N LYS A 329 17.73 -47.69 -30.41
CA LYS A 329 18.76 -48.71 -30.59
C LYS A 329 18.49 -49.92 -29.70
N TRP A 330 18.11 -49.68 -28.44
CA TRP A 330 17.78 -50.78 -27.54
C TRP A 330 16.59 -51.58 -28.06
N MET A 331 15.59 -50.89 -28.60
CA MET A 331 14.42 -51.57 -29.14
C MET A 331 14.76 -52.39 -30.37
N ILE A 332 15.65 -51.87 -31.22
CA ILE A 332 16.11 -52.64 -32.38
C ILE A 332 16.87 -53.88 -31.93
N LYS A 333 17.68 -53.74 -30.89
CA LYS A 333 18.39 -54.90 -30.34
C LYS A 333 17.41 -55.93 -29.78
N ILE A 334 16.37 -55.46 -29.10
CA ILE A 334 15.37 -56.37 -28.53
C ILE A 334 14.61 -57.08 -29.65
N ARG A 335 14.31 -56.36 -30.73
CA ARG A 335 13.62 -56.97 -31.87
C ARG A 335 14.51 -58.00 -32.55
N LYS A 336 15.81 -57.72 -32.64
CA LYS A 336 16.74 -58.70 -33.19
C LYS A 336 16.85 -59.91 -32.28
N ARG A 337 16.69 -59.72 -30.97
CA ARG A 337 16.73 -60.84 -30.04
C ARG A 337 15.52 -61.74 -30.24
N TYR A 338 14.38 -61.17 -30.64
CA TYR A 338 13.17 -61.96 -30.88
C TYR A 338 13.15 -62.53 -32.29
N CYS B 61 44.40 -55.66 -5.88
CA CYS B 61 43.08 -55.84 -5.33
C CYS B 61 42.40 -54.50 -5.07
N LEU B 62 43.16 -53.42 -5.25
CA LEU B 62 42.65 -52.06 -5.03
C LEU B 62 42.17 -51.40 -6.31
N LYS B 63 41.90 -52.15 -7.38
CA LYS B 63 41.35 -51.55 -8.60
C LYS B 63 39.90 -51.14 -8.41
N ASN B 64 39.11 -51.98 -7.73
CA ASN B 64 37.74 -51.62 -7.42
C ASN B 64 37.68 -50.35 -6.59
N VAL B 65 38.74 -50.05 -5.83
CA VAL B 65 38.82 -48.78 -5.12
C VAL B 65 38.81 -47.62 -6.12
N PHE B 66 39.64 -47.70 -7.16
CA PHE B 66 39.65 -46.65 -8.17
C PHE B 66 38.34 -46.60 -8.93
N SER B 67 37.70 -47.77 -9.09
CA SER B 67 36.39 -47.81 -9.73
C SER B 67 35.37 -47.02 -8.92
N VAL B 68 35.26 -47.33 -7.62
CA VAL B 68 34.35 -46.60 -6.76
C VAL B 68 34.77 -45.14 -6.64
N LEU B 69 36.04 -44.85 -6.86
CA LEU B 69 36.49 -43.45 -6.86
C LEU B 69 35.90 -42.70 -8.04
N LEU B 70 36.10 -43.23 -9.25
CA LEU B 70 35.48 -42.61 -10.42
C LEU B 70 33.96 -42.57 -10.27
N ILE B 71 33.37 -43.54 -9.58
CA ILE B 71 31.94 -43.54 -9.34
C ILE B 71 31.51 -42.57 -8.25
N PHE B 72 32.45 -42.10 -7.42
CA PHE B 72 32.11 -41.10 -6.41
C PHE B 72 31.65 -39.80 -7.05
N ILE B 73 32.12 -39.52 -8.27
CA ILE B 73 31.59 -38.37 -8.99
C ILE B 73 30.10 -38.56 -9.26
N TYR B 74 29.73 -39.73 -9.80
CA TYR B 74 28.33 -40.05 -10.01
C TYR B 74 27.55 -39.93 -8.70
N LEU B 75 28.12 -40.45 -7.61
CA LEU B 75 27.43 -40.44 -6.33
C LEU B 75 27.16 -39.02 -5.84
N LEU B 76 28.21 -38.20 -5.78
CA LEU B 76 28.07 -36.83 -5.32
C LEU B 76 27.18 -36.01 -6.24
N LEU B 77 27.21 -36.28 -7.54
CA LEU B 77 26.39 -35.49 -8.45
C LEU B 77 24.92 -35.89 -8.35
N MET B 78 24.64 -37.19 -8.18
CA MET B 78 23.26 -37.60 -7.92
C MET B 78 22.77 -37.05 -6.59
N ALA B 79 23.67 -36.96 -5.59
CA ALA B 79 23.29 -36.38 -4.31
C ALA B 79 22.93 -34.91 -4.46
N VAL B 80 23.78 -34.14 -5.13
CA VAL B 80 23.48 -32.73 -5.33
C VAL B 80 22.27 -32.56 -6.24
N ALA B 81 22.00 -33.56 -7.09
CA ALA B 81 20.81 -33.50 -7.93
C ALA B 81 19.55 -33.66 -7.11
N VAL B 82 19.52 -34.65 -6.22
CA VAL B 82 18.33 -34.82 -5.38
C VAL B 82 18.19 -33.63 -4.43
N PHE B 83 19.32 -33.09 -3.95
CA PHE B 83 19.25 -31.89 -3.13
C PHE B 83 18.66 -30.71 -3.90
N LEU B 84 19.06 -30.55 -5.16
CA LEU B 84 18.61 -29.40 -5.94
C LEU B 84 17.14 -29.55 -6.32
N VAL B 85 16.70 -30.77 -6.65
CA VAL B 85 15.28 -30.95 -6.95
C VAL B 85 14.45 -30.75 -5.68
N TYR B 86 14.99 -31.15 -4.52
CA TYR B 86 14.28 -30.90 -3.27
C TYR B 86 14.15 -29.41 -3.00
N ARG B 87 15.25 -28.66 -3.16
CA ARG B 87 15.20 -27.22 -2.93
C ARG B 87 14.26 -26.53 -3.93
N THR B 88 14.32 -26.94 -5.20
CA THR B 88 13.44 -26.33 -6.19
C THR B 88 11.98 -26.64 -5.90
N ILE B 89 11.71 -27.88 -5.46
CA ILE B 89 10.31 -28.29 -5.12
C ILE B 89 9.82 -27.44 -3.95
N THR B 90 10.62 -27.32 -2.88
CA THR B 90 10.16 -26.56 -1.71
C THR B 90 10.03 -25.08 -2.03
N ASP B 91 10.91 -24.54 -2.88
CA ASP B 91 10.77 -23.14 -3.27
C ASP B 91 9.56 -22.92 -4.16
N PHE B 92 9.22 -23.90 -5.00
CA PHE B 92 8.01 -23.79 -5.80
C PHE B 92 6.78 -23.87 -4.92
N ARG B 93 6.79 -24.74 -3.92
CA ARG B 93 5.69 -24.77 -2.96
C ARG B 93 5.54 -23.43 -2.24
N GLU B 94 6.67 -22.83 -1.85
CA GLU B 94 6.62 -21.53 -1.18
C GLU B 94 6.05 -20.46 -2.09
N LYS B 95 6.63 -20.31 -3.29
CA LYS B 95 6.18 -19.26 -4.20
C LYS B 95 4.77 -19.53 -4.72
N LEU B 96 4.27 -20.77 -4.58
CA LEU B 96 2.88 -21.03 -4.91
C LEU B 96 1.96 -20.72 -3.74
N LYS B 97 2.49 -20.79 -2.51
CA LYS B 97 1.70 -20.46 -1.33
C LYS B 97 1.18 -19.03 -1.39
N HIS B 98 2.10 -18.07 -1.45
CA HIS B 98 1.74 -16.65 -1.45
C HIS B 98 2.36 -15.96 -2.66
N PRO B 99 1.55 -15.49 -3.60
CA PRO B 99 2.09 -14.84 -4.80
C PRO B 99 2.57 -13.43 -4.54
N VAL B 100 3.07 -12.80 -5.60
CA VAL B 100 3.62 -11.46 -5.51
C VAL B 100 2.64 -10.45 -6.09
N MET B 101 2.48 -9.32 -5.39
CA MET B 101 1.58 -8.26 -5.81
C MET B 101 2.28 -7.37 -6.84
N SER B 102 1.49 -6.61 -7.60
CA SER B 102 2.00 -5.74 -8.65
C SER B 102 0.99 -4.66 -8.94
N VAL B 103 1.39 -3.41 -8.75
CA VAL B 103 0.53 -2.25 -8.92
C VAL B 103 0.84 -1.60 -10.25
N SER B 104 -0.20 -1.10 -10.92
CA SER B 104 -0.05 -0.32 -12.14
C SER B 104 -1.17 0.71 -12.17
N TYR B 105 -0.84 1.90 -12.66
CA TYR B 105 -1.78 3.01 -12.70
C TYR B 105 -2.18 3.26 -14.15
N LYS B 106 -3.47 3.17 -14.43
CA LYS B 106 -4.01 3.38 -15.77
C LYS B 106 -4.83 4.67 -15.75
N GLU B 107 -4.23 5.74 -16.24
CA GLU B 107 -4.94 7.01 -16.34
C GLU B 107 -6.15 6.85 -17.26
N VAL B 108 -7.28 7.37 -16.83
CA VAL B 108 -8.52 7.28 -17.59
C VAL B 108 -8.91 8.67 -18.07
N ASP B 109 -9.48 8.74 -19.28
CA ASP B 109 -9.92 10.03 -19.80
C ASP B 109 -11.00 10.65 -18.95
N ARG B 110 -12.02 9.86 -18.59
CA ARG B 110 -13.10 10.31 -17.72
C ARG B 110 -13.70 9.09 -17.04
N TYR B 111 -14.04 9.25 -15.77
CA TYR B 111 -14.51 8.11 -14.99
C TYR B 111 -15.93 7.73 -15.38
N ASP B 112 -16.29 6.49 -15.10
CA ASP B 112 -17.69 6.08 -15.15
C ASP B 112 -18.40 6.51 -13.89
N ALA B 113 -19.48 7.28 -14.06
CA ALA B 113 -20.21 7.92 -12.97
C ALA B 113 -20.47 6.97 -11.81
N PRO B 114 -19.84 7.18 -10.66
CA PRO B 114 -20.05 6.28 -9.53
C PRO B 114 -21.42 6.47 -8.91
N GLY B 115 -21.74 5.59 -7.97
CA GLY B 115 -23.02 5.60 -7.32
C GLY B 115 -22.85 5.78 -5.83
N ILE B 116 -23.34 6.90 -5.32
CA ILE B 116 -23.19 7.27 -3.93
C ILE B 116 -24.45 6.86 -3.19
N ALA B 117 -24.36 5.79 -2.43
CA ALA B 117 -25.53 5.21 -1.76
C ALA B 117 -25.62 5.79 -0.35
N LEU B 118 -25.99 7.06 -0.27
CA LEU B 118 -26.20 7.70 1.03
C LEU B 118 -27.38 7.04 1.74
N TYR B 119 -27.30 7.02 3.06
CA TYR B 119 -28.34 6.44 3.92
C TYR B 119 -28.85 7.54 4.85
N PRO B 120 -29.58 8.53 4.33
CA PRO B 120 -30.00 9.65 5.19
C PRO B 120 -30.97 9.25 6.26
N GLY B 121 -31.82 8.26 6.02
CA GLY B 121 -32.87 7.94 6.95
C GLY B 121 -33.93 9.02 6.98
N GLN B 122 -33.99 9.78 8.07
CA GLN B 122 -34.97 10.85 8.20
C GLN B 122 -34.48 12.19 7.65
N ALA B 123 -33.17 12.39 7.59
CA ALA B 123 -32.61 13.67 7.18
C ALA B 123 -32.88 13.92 5.71
N GLN B 124 -33.80 14.83 5.42
CA GLN B 124 -34.02 15.26 4.04
C GLN B 124 -32.79 16.01 3.54
N LEU B 125 -32.50 15.84 2.24
CA LEU B 125 -31.36 16.49 1.62
C LEU B 125 -31.83 17.78 0.97
N LEU B 126 -31.01 18.83 1.09
CA LEU B 126 -31.39 20.12 0.54
C LEU B 126 -31.07 20.22 -0.95
N SER B 127 -29.80 20.14 -1.31
CA SER B 127 -29.39 20.53 -2.64
C SER B 127 -28.39 19.54 -3.23
N CYS B 128 -28.27 19.60 -4.55
CA CYS B 128 -27.22 18.96 -5.33
C CYS B 128 -26.66 19.99 -6.29
N LYS B 129 -25.35 19.95 -6.51
CA LYS B 129 -24.78 20.82 -7.53
C LYS B 129 -23.42 20.27 -7.94
N HIS B 130 -23.32 19.75 -9.16
CA HIS B 130 -22.03 19.47 -9.73
C HIS B 130 -21.30 20.78 -9.98
N HIS B 131 -19.97 20.75 -9.87
CA HIS B 131 -19.19 21.98 -10.02
C HIS B 131 -17.89 21.61 -10.70
N TYR B 132 -17.83 21.82 -12.03
CA TYR B 132 -16.57 21.67 -12.74
C TYR B 132 -15.50 22.59 -12.16
N GLU B 133 -15.91 23.72 -11.60
CA GLU B 133 -14.97 24.59 -10.92
C GLU B 133 -14.38 23.87 -9.71
N VAL B 134 -13.10 24.17 -9.44
CA VAL B 134 -12.40 23.52 -8.33
C VAL B 134 -13.00 23.86 -6.97
N ILE B 135 -13.84 24.88 -6.88
CA ILE B 135 -14.41 25.34 -5.62
C ILE B 135 -15.93 25.42 -5.80
N PRO B 136 -16.72 24.88 -4.88
CA PRO B 136 -18.16 25.10 -4.92
C PRO B 136 -18.50 26.51 -4.48
N PRO B 137 -19.21 27.27 -5.31
CA PRO B 137 -19.56 28.65 -4.94
C PRO B 137 -20.34 28.72 -3.64
N LEU B 138 -20.50 29.96 -3.16
CA LEU B 138 -21.03 30.19 -1.82
C LEU B 138 -22.46 29.68 -1.71
N THR B 139 -22.72 28.90 -0.66
CA THR B 139 -24.00 28.26 -0.46
C THR B 139 -24.94 29.16 0.35
N SER B 140 -26.17 28.69 0.53
CA SER B 140 -27.16 29.38 1.35
C SER B 140 -27.85 28.33 2.22
N PRO B 141 -27.52 28.30 3.52
CA PRO B 141 -27.97 27.20 4.37
C PRO B 141 -29.46 27.29 4.68
N GLY B 142 -30.00 26.17 5.14
CA GLY B 142 -31.39 26.08 5.54
C GLY B 142 -32.41 26.21 4.44
N GLN B 143 -31.98 26.42 3.19
CA GLN B 143 -32.89 26.62 2.07
C GLN B 143 -32.88 25.35 1.22
N PRO B 144 -33.99 24.62 1.13
CA PRO B 144 -34.03 23.44 0.27
C PRO B 144 -34.02 23.79 -1.21
N GLY B 145 -34.10 22.79 -2.06
CA GLY B 145 -34.12 23.00 -3.49
C GLY B 145 -32.74 22.99 -4.11
N ASP B 146 -32.65 23.61 -5.28
CA ASP B 146 -31.42 23.70 -6.07
C ASP B 146 -30.86 22.33 -6.45
N MET B 147 -31.64 21.27 -6.30
CA MET B 147 -31.19 19.91 -6.60
C MET B 147 -31.02 19.77 -8.11
N ASN B 148 -29.87 19.27 -8.55
CA ASN B 148 -29.64 18.94 -9.95
C ASN B 148 -28.92 17.59 -10.06
N CYS B 149 -29.25 16.68 -9.15
CA CYS B 149 -28.74 15.32 -9.20
C CYS B 149 -29.60 14.48 -10.11
N THR B 150 -29.04 13.36 -10.56
CA THR B 150 -29.85 12.29 -11.15
C THR B 150 -30.12 11.27 -10.04
N THR B 151 -30.66 11.79 -8.93
CA THR B 151 -30.85 11.00 -7.74
C THR B 151 -31.91 9.93 -7.93
N GLN B 152 -31.90 8.93 -7.04
CA GLN B 152 -32.87 7.85 -7.07
C GLN B 152 -32.89 7.21 -5.69
N ARG B 153 -34.04 7.25 -5.02
CA ARG B 153 -34.20 6.63 -3.71
C ARG B 153 -34.63 5.19 -3.89
N ILE B 154 -33.93 4.27 -3.22
CA ILE B 154 -34.17 2.84 -3.36
C ILE B 154 -34.11 2.17 -1.99
N ASN B 155 -35.04 1.26 -1.75
CA ASN B 155 -35.10 0.49 -0.51
C ASN B 155 -34.57 -0.92 -0.73
N TYR B 156 -34.21 -1.57 0.38
CA TYR B 156 -33.77 -2.95 0.39
C TYR B 156 -33.61 -3.37 1.85
N THR B 157 -33.27 -4.63 2.04
CA THR B 157 -33.10 -5.20 3.37
C THR B 157 -31.61 -5.46 3.62
N ASP B 158 -31.12 -5.03 4.77
CA ASP B 158 -29.71 -5.15 5.10
C ASP B 158 -29.29 -6.61 5.07
N PRO B 159 -28.46 -7.03 4.12
CA PRO B 159 -28.05 -8.44 4.08
C PRO B 159 -27.40 -8.91 5.37
N PHE B 160 -26.78 -8.00 6.13
CA PHE B 160 -26.23 -8.36 7.42
C PHE B 160 -27.31 -8.81 8.39
N SER B 161 -28.45 -8.12 8.42
CA SER B 161 -29.48 -8.37 9.43
C SER B 161 -30.72 -9.05 8.85
N ASN B 162 -31.28 -8.49 7.78
CA ASN B 162 -32.61 -8.87 7.27
C ASN B 162 -33.69 -8.65 8.33
N GLN B 163 -33.37 -7.81 9.33
CA GLN B 163 -34.33 -7.50 10.38
C GLN B 163 -34.76 -6.04 10.39
N THR B 164 -34.24 -5.21 9.49
CA THR B 164 -34.60 -3.79 9.46
C THR B 164 -34.36 -3.27 8.05
N VAL B 165 -35.38 -2.67 7.46
CA VAL B 165 -35.23 -2.05 6.15
C VAL B 165 -34.46 -0.73 6.30
N LYS B 166 -33.42 -0.56 5.50
CA LYS B 166 -32.57 0.63 5.55
C LYS B 166 -32.82 1.46 4.30
N SER B 167 -33.65 2.50 4.44
CA SER B 167 -33.89 3.41 3.33
C SER B 167 -32.58 4.02 2.86
N ALA B 168 -32.44 4.16 1.55
CA ALA B 168 -31.20 4.64 0.95
C ALA B 168 -31.50 5.80 0.02
N LEU B 169 -30.47 6.23 -0.70
CA LEU B 169 -30.55 7.30 -1.68
C LEU B 169 -29.30 7.22 -2.54
N ILE B 170 -29.48 7.20 -3.84
CA ILE B 170 -28.39 7.03 -4.78
C ILE B 170 -28.17 8.32 -5.54
N VAL B 171 -26.90 8.65 -5.77
CA VAL B 171 -26.52 9.87 -6.46
C VAL B 171 -25.50 9.52 -7.52
N GLN B 172 -25.62 10.15 -8.69
CA GLN B 172 -24.64 10.01 -9.75
C GLN B 172 -23.46 10.91 -9.46
N GLY B 173 -22.33 10.31 -9.08
CA GLY B 173 -21.17 11.07 -8.68
C GLY B 173 -20.55 11.83 -9.84
N PRO B 174 -19.38 12.38 -9.62
CA PRO B 174 -18.70 13.14 -10.67
C PRO B 174 -18.05 12.22 -11.69
N ARG B 175 -17.94 12.73 -12.91
CA ARG B 175 -17.40 11.98 -14.04
C ARG B 175 -16.08 12.51 -14.55
N GLU B 176 -15.96 13.82 -14.72
CA GLU B 176 -14.83 14.43 -15.41
C GLU B 176 -13.76 14.82 -14.40
N VAL B 177 -12.80 13.92 -14.18
CA VAL B 177 -11.71 14.18 -13.24
C VAL B 177 -10.81 15.31 -13.72
N LYS B 178 -10.48 15.33 -15.01
CA LYS B 178 -9.62 16.40 -15.53
C LYS B 178 -10.33 17.75 -15.47
N LYS B 179 -11.64 17.76 -15.63
CA LYS B 179 -12.41 18.98 -15.42
C LYS B 179 -12.68 19.25 -13.95
N ARG B 180 -12.34 18.31 -13.06
CA ARG B 180 -12.43 18.50 -11.62
C ARG B 180 -13.88 18.70 -11.16
N GLU B 181 -14.80 18.01 -11.83
CA GLU B 181 -16.19 18.05 -11.41
C GLU B 181 -16.34 17.44 -10.02
N LEU B 182 -17.31 17.95 -9.26
CA LEU B 182 -17.48 17.52 -7.88
C LEU B 182 -18.92 17.70 -7.45
N VAL B 183 -19.53 16.61 -7.00
CA VAL B 183 -20.86 16.67 -6.42
C VAL B 183 -20.78 17.36 -5.06
N PHE B 184 -21.69 18.30 -4.82
CA PHE B 184 -21.77 19.00 -3.54
C PHE B 184 -23.18 18.84 -3.00
N LEU B 185 -23.33 18.01 -1.98
CA LEU B 185 -24.62 17.74 -1.38
C LEU B 185 -24.85 18.67 -0.20
N GLN B 186 -26.09 18.72 0.27
CA GLN B 186 -26.45 19.42 1.49
C GLN B 186 -27.59 18.66 2.14
N PHE B 187 -27.57 18.58 3.47
CA PHE B 187 -28.57 17.83 4.21
C PHE B 187 -29.04 18.65 5.40
N ARG B 188 -30.12 18.19 6.02
CA ARG B 188 -30.66 18.79 7.24
C ARG B 188 -31.26 17.71 8.12
N LEU B 189 -31.02 17.81 9.42
CA LEU B 189 -31.65 16.96 10.42
C LEU B 189 -32.20 17.90 11.49
N ASN B 190 -33.44 18.34 11.31
CA ASN B 190 -34.06 19.22 12.29
C ASN B 190 -34.14 18.52 13.64
N LYS B 191 -33.78 19.26 14.69
CA LYS B 191 -33.30 18.71 15.95
C LYS B 191 -34.01 17.43 16.36
N SER B 192 -33.21 16.40 16.65
CA SER B 192 -33.73 15.08 17.03
C SER B 192 -32.97 14.54 18.22
N SER B 193 -33.18 13.26 18.54
CA SER B 193 -32.56 12.65 19.71
C SER B 193 -31.44 11.68 19.32
N GLU B 194 -30.73 11.98 18.23
CA GLU B 194 -29.66 11.11 17.76
C GLU B 194 -28.39 11.21 18.60
N ASP B 195 -28.09 12.40 19.11
CA ASP B 195 -26.96 12.67 19.99
C ASP B 195 -25.62 12.60 19.24
N PHE B 196 -25.67 12.15 17.99
CA PHE B 196 -24.47 12.12 17.14
C PHE B 196 -24.96 12.12 15.69
N SER B 197 -24.89 13.28 15.05
CA SER B 197 -25.39 13.45 13.69
C SER B 197 -24.40 12.83 12.71
N ALA B 198 -24.82 11.75 12.05
CA ALA B 198 -23.95 11.07 11.08
C ALA B 198 -24.83 10.44 10.00
N ILE B 199 -24.49 10.68 8.74
CA ILE B 199 -25.18 10.08 7.62
C ILE B 199 -24.18 9.22 6.86
N ASP B 200 -24.28 7.91 7.00
CA ASP B 200 -23.35 7.02 6.32
C ASP B 200 -23.73 6.86 4.85
N TYR B 201 -22.73 6.53 4.04
CA TYR B 201 -22.95 6.39 2.61
C TYR B 201 -22.14 5.21 2.10
N LEU B 202 -22.06 5.10 0.78
CA LEU B 202 -21.52 3.93 0.13
C LEU B 202 -21.27 4.26 -1.33
N LEU B 203 -20.25 3.63 -1.91
CA LEU B 203 -19.85 3.94 -3.27
C LEU B 203 -19.75 2.66 -4.08
N PHE B 204 -20.50 2.58 -5.16
CA PHE B 204 -20.27 1.58 -6.20
C PHE B 204 -19.81 2.25 -7.47
N SER B 205 -19.31 1.44 -8.41
CA SER B 205 -18.39 1.95 -9.42
C SER B 205 -19.11 2.73 -10.51
N SER B 206 -20.18 2.19 -11.07
CA SER B 206 -20.84 2.81 -12.21
C SER B 206 -22.34 2.85 -12.00
N PHE B 207 -22.88 4.07 -11.99
CA PHE B 207 -24.28 4.37 -11.72
C PHE B 207 -25.20 3.86 -12.81
N GLN B 208 -24.81 3.99 -14.08
CA GLN B 208 -25.65 3.53 -15.18
C GLN B 208 -25.88 2.03 -15.10
N GLU B 209 -24.86 1.27 -14.66
CA GLU B 209 -25.06 -0.16 -14.44
C GLU B 209 -26.15 -0.41 -13.42
N PHE B 210 -26.18 0.39 -12.36
CA PHE B 210 -27.24 0.25 -11.36
C PHE B 210 -28.60 0.57 -11.97
N LEU B 211 -28.68 1.62 -12.78
CA LEU B 211 -29.95 1.97 -13.41
C LEU B 211 -30.44 0.85 -14.32
N GLN B 212 -29.52 0.23 -15.06
CA GLN B 212 -29.90 -0.73 -16.08
C GLN B 212 -30.00 -2.16 -15.54
N SER B 213 -29.29 -2.48 -14.46
CA SER B 213 -29.26 -3.84 -13.95
C SER B 213 -30.67 -4.32 -13.59
N PRO B 214 -30.90 -5.63 -13.64
CA PRO B 214 -32.20 -6.17 -13.24
C PRO B 214 -32.24 -6.50 -11.76
N ASN B 215 -33.39 -6.19 -11.15
CA ASN B 215 -33.61 -6.38 -9.72
C ASN B 215 -32.47 -5.75 -8.91
N ARG B 216 -32.35 -4.43 -9.04
CA ARG B 216 -31.29 -3.72 -8.31
C ARG B 216 -31.49 -3.79 -6.81
N VAL B 217 -32.67 -4.22 -6.36
CA VAL B 217 -32.90 -4.41 -4.93
C VAL B 217 -31.91 -5.40 -4.34
N GLY B 218 -31.40 -6.32 -5.16
CA GLY B 218 -30.42 -7.28 -4.70
C GLY B 218 -29.01 -6.86 -5.07
N PHE B 219 -28.88 -6.15 -6.20
CA PHE B 219 -27.60 -5.57 -6.57
C PHE B 219 -27.10 -4.63 -5.47
N MET B 220 -28.02 -3.93 -4.81
CA MET B 220 -27.63 -3.04 -3.73
C MET B 220 -27.11 -3.81 -2.52
N GLN B 221 -27.73 -4.93 -2.17
CA GLN B 221 -27.20 -5.76 -1.11
C GLN B 221 -25.83 -6.32 -1.49
N ALA B 222 -25.66 -6.71 -2.75
CA ALA B 222 -24.36 -7.16 -3.22
C ALA B 222 -23.31 -6.06 -3.05
N CYS B 223 -23.66 -4.83 -3.38
CA CYS B 223 -22.74 -3.71 -3.19
C CYS B 223 -22.41 -3.51 -1.71
N GLU B 224 -23.44 -3.43 -0.88
CA GLU B 224 -23.24 -3.22 0.55
C GLU B 224 -22.35 -4.30 1.15
N SER B 225 -22.42 -5.53 0.65
CA SER B 225 -21.53 -6.57 1.13
C SER B 225 -20.14 -6.45 0.53
N ALA B 226 -20.04 -5.97 -0.71
CA ALA B 226 -18.74 -5.89 -1.38
C ALA B 226 -17.94 -4.68 -0.92
N TYR B 227 -18.51 -3.48 -1.01
CA TYR B 227 -17.80 -2.27 -0.62
C TYR B 227 -17.93 -2.08 0.89
N SER B 228 -17.47 -0.93 1.38
CA SER B 228 -17.55 -0.60 2.80
C SER B 228 -18.25 0.73 2.99
N SER B 229 -19.00 0.85 4.08
CA SER B 229 -19.88 2.00 4.31
C SER B 229 -19.28 2.86 5.42
N TRP B 230 -18.67 3.96 5.04
CA TRP B 230 -18.09 4.91 5.96
C TRP B 230 -18.93 6.18 5.98
N LYS B 231 -19.17 6.69 7.19
CA LYS B 231 -20.09 7.80 7.39
C LYS B 231 -19.35 9.13 7.24
N PHE B 232 -20.07 10.13 6.73
CA PHE B 232 -19.61 11.50 6.79
C PHE B 232 -20.33 12.20 7.94
N SER B 233 -19.60 13.06 8.64
CA SER B 233 -20.08 13.63 9.88
C SER B 233 -21.15 14.68 9.64
N GLY B 234 -21.63 15.24 10.74
CA GLY B 234 -22.65 16.27 10.69
C GLY B 234 -22.25 17.52 11.44
N GLY B 235 -22.11 18.62 10.73
CA GLY B 235 -21.70 19.87 11.34
C GLY B 235 -20.52 20.49 10.65
N PHE B 236 -19.97 19.80 9.65
CA PHE B 236 -18.87 20.36 8.87
C PHE B 236 -18.78 19.63 7.54
N ARG B 237 -18.26 20.35 6.54
CA ARG B 237 -18.18 19.85 5.17
C ARG B 237 -17.04 18.84 5.07
N THR B 238 -17.34 17.65 4.53
CA THR B 238 -16.37 16.57 4.39
C THR B 238 -16.03 16.42 2.92
N TRP B 239 -14.85 16.93 2.54
CA TRP B 239 -14.41 16.83 1.15
C TRP B 239 -13.90 15.44 0.86
N VAL B 240 -14.79 14.56 0.40
CA VAL B 240 -14.47 13.16 0.14
C VAL B 240 -13.82 13.09 -1.24
N LYS B 241 -12.56 12.70 -1.28
CA LYS B 241 -11.84 12.55 -2.55
C LYS B 241 -11.77 11.07 -2.91
N MET B 242 -12.79 10.57 -3.60
CA MET B 242 -12.84 9.16 -3.96
C MET B 242 -11.69 8.80 -4.90
N SER B 243 -11.45 7.49 -5.01
CA SER B 243 -10.44 6.94 -5.90
C SER B 243 -10.67 5.45 -6.00
N LEU B 244 -10.48 4.89 -7.20
CA LEU B 244 -10.78 3.49 -7.45
C LEU B 244 -9.54 2.63 -7.35
N VAL B 245 -9.76 1.34 -7.06
CA VAL B 245 -8.74 0.31 -7.21
C VAL B 245 -9.40 -0.94 -7.81
N LYS B 246 -9.10 -1.19 -9.08
CA LYS B 246 -9.60 -2.35 -9.80
C LYS B 246 -8.64 -3.51 -9.53
N THR B 247 -8.80 -4.15 -8.38
CA THR B 247 -7.95 -5.27 -8.03
C THR B 247 -8.44 -6.53 -8.73
N LYS B 248 -7.50 -7.36 -9.19
CA LYS B 248 -7.82 -8.57 -9.94
C LYS B 248 -7.35 -9.78 -9.14
N GLU B 249 -8.29 -10.52 -8.57
CA GLU B 249 -7.97 -11.83 -8.04
C GLU B 249 -7.53 -12.73 -9.19
N GLU B 250 -6.70 -13.73 -8.87
CA GLU B 250 -6.11 -14.53 -9.94
C GLU B 250 -7.13 -15.44 -10.61
N ASP B 251 -8.28 -15.69 -9.97
CA ASP B 251 -9.29 -16.56 -10.57
C ASP B 251 -10.13 -15.81 -11.59
N GLY B 252 -9.46 -15.16 -12.55
CA GLY B 252 -10.12 -14.47 -13.64
C GLY B 252 -11.26 -13.55 -13.26
N ARG B 253 -11.02 -12.65 -12.30
CA ARG B 253 -12.03 -11.72 -11.85
C ARG B 253 -11.42 -10.34 -11.67
N GLU B 254 -12.28 -9.32 -11.68
CA GLU B 254 -11.87 -7.94 -11.48
C GLU B 254 -12.76 -7.32 -10.41
N ALA B 255 -12.16 -6.95 -9.28
CA ALA B 255 -12.90 -6.41 -8.14
C ALA B 255 -12.64 -4.91 -8.06
N VAL B 256 -13.70 -4.14 -7.99
CA VAL B 256 -13.62 -2.69 -7.92
C VAL B 256 -13.91 -2.25 -6.50
N GLU B 257 -12.95 -1.56 -5.89
CA GLU B 257 -13.05 -1.11 -4.51
C GLU B 257 -12.76 0.39 -4.45
N PHE B 258 -13.50 1.10 -3.60
CA PHE B 258 -13.29 2.53 -3.40
C PHE B 258 -12.43 2.77 -2.17
N ARG B 259 -11.36 3.54 -2.35
CA ARG B 259 -10.51 3.98 -1.26
C ARG B 259 -10.48 5.50 -1.30
N GLN B 260 -11.12 6.14 -0.32
CA GLN B 260 -11.29 7.58 -0.35
C GLN B 260 -10.50 8.20 0.81
N GLU B 261 -10.17 9.48 0.64
CA GLU B 261 -9.48 10.26 1.66
C GLU B 261 -10.31 11.48 2.01
N THR B 262 -11.09 11.39 3.08
CA THR B 262 -11.89 12.49 3.56
C THR B 262 -10.98 13.62 4.06
N SER B 263 -11.53 14.82 4.12
CA SER B 263 -10.87 15.98 4.69
C SER B 263 -11.94 16.94 5.17
N VAL B 264 -12.22 16.91 6.46
CA VAL B 264 -13.31 17.68 7.03
C VAL B 264 -12.93 19.14 7.12
N VAL B 265 -13.91 20.02 6.94
CA VAL B 265 -13.73 21.47 7.04
C VAL B 265 -14.86 22.02 7.89
N ASN B 266 -14.51 22.64 9.00
CA ASN B 266 -15.52 23.08 9.96
C ASN B 266 -16.49 24.08 9.34
N TYR B 267 -17.74 24.00 9.77
CA TYR B 267 -18.79 24.90 9.32
C TYR B 267 -18.94 26.04 10.32
N ILE B 268 -18.78 27.27 9.84
CA ILE B 268 -18.97 28.45 10.67
C ILE B 268 -20.46 28.73 10.69
N ASP B 269 -21.12 28.36 11.79
CA ASP B 269 -22.55 28.52 11.93
C ASP B 269 -22.96 29.94 12.31
N GLN B 270 -22.01 30.88 12.28
CA GLN B 270 -22.35 32.28 12.56
C GLN B 270 -23.19 32.90 11.46
N ARG B 271 -23.28 32.25 10.29
CA ARG B 271 -24.10 32.81 9.21
C ARG B 271 -25.59 32.65 9.51
N PRO B 272 -26.11 31.47 9.88
CA PRO B 272 -27.51 31.44 10.33
C PRO B 272 -27.70 32.18 11.64
N ALA B 273 -26.94 31.79 12.66
CA ALA B 273 -26.95 32.42 13.97
C ALA B 273 -28.37 32.66 14.48
N ALA B 274 -29.12 31.58 14.62
CA ALA B 274 -30.52 31.64 15.01
C ALA B 274 -30.74 30.78 16.24
N LYS B 275 -32.01 30.64 16.63
CA LYS B 275 -32.39 29.82 17.76
C LYS B 275 -32.83 28.42 17.35
N LYS B 276 -32.86 28.13 16.04
CA LYS B 276 -33.23 26.79 15.59
C LYS B 276 -32.08 25.82 15.80
N SER B 277 -30.88 26.18 15.34
CA SER B 277 -29.68 25.34 15.48
C SER B 277 -29.95 23.90 15.04
N ALA B 278 -30.54 23.76 13.86
CA ALA B 278 -30.86 22.45 13.30
C ALA B 278 -29.61 21.87 12.65
N GLN B 279 -29.40 20.57 12.83
CA GLN B 279 -28.22 19.93 12.28
C GLN B 279 -28.30 19.88 10.76
N LEU B 280 -27.20 20.23 10.10
CA LEU B 280 -27.13 20.27 8.65
C LEU B 280 -25.78 19.75 8.19
N PHE B 281 -25.79 18.90 7.17
CA PHE B 281 -24.62 18.16 6.74
C PHE B 281 -24.19 18.62 5.35
N PHE B 282 -22.89 18.66 5.12
CA PHE B 282 -22.32 19.06 3.84
C PHE B 282 -21.33 17.99 3.39
N VAL B 283 -21.37 17.68 2.09
CA VAL B 283 -20.45 16.71 1.51
C VAL B 283 -19.92 17.27 0.20
N VAL B 284 -18.76 16.78 -0.20
CA VAL B 284 -18.19 17.06 -1.52
C VAL B 284 -17.62 15.74 -2.01
N PHE B 285 -18.11 15.23 -3.13
CA PHE B 285 -17.61 14.00 -3.71
C PHE B 285 -16.79 14.34 -4.94
N GLU B 286 -15.53 13.98 -4.93
CA GLU B 286 -14.60 14.34 -5.99
C GLU B 286 -13.77 13.13 -6.37
N TRP B 287 -13.16 13.19 -7.55
CA TRP B 287 -12.21 12.17 -7.97
C TRP B 287 -10.80 12.67 -7.65
N LYS B 288 -10.08 11.89 -6.84
CA LYS B 288 -8.78 12.35 -6.36
C LYS B 288 -7.82 12.57 -7.52
N ASP B 289 -7.50 11.51 -8.24
CA ASP B 289 -6.53 11.58 -9.33
C ASP B 289 -7.16 10.95 -10.57
N PRO B 290 -6.72 11.35 -11.77
CA PRO B 290 -7.26 10.74 -12.99
C PRO B 290 -6.78 9.31 -13.20
N PHE B 291 -6.08 8.72 -12.24
CA PHE B 291 -5.56 7.37 -12.39
C PHE B 291 -6.49 6.37 -11.71
N ILE B 292 -6.28 5.10 -12.04
CA ILE B 292 -7.01 3.99 -11.43
C ILE B 292 -5.97 2.97 -11.00
N GLN B 293 -5.57 3.01 -9.73
CA GLN B 293 -4.64 2.04 -9.19
C GLN B 293 -5.19 0.63 -9.28
N LYS B 294 -4.71 -0.17 -10.22
CA LYS B 294 -5.17 -1.56 -10.35
C LYS B 294 -4.04 -2.49 -9.93
N VAL B 295 -4.32 -3.35 -8.97
CA VAL B 295 -3.35 -4.26 -8.39
C VAL B 295 -3.77 -5.70 -8.68
N GLN B 296 -2.83 -6.51 -9.14
CA GLN B 296 -3.07 -7.91 -9.40
C GLN B 296 -1.94 -8.74 -8.82
N ASP B 297 -2.28 -9.75 -8.04
CA ASP B 297 -1.30 -10.66 -7.46
C ASP B 297 -0.71 -11.50 -8.59
N ILE B 298 0.55 -11.23 -8.94
CA ILE B 298 1.22 -12.00 -9.97
C ILE B 298 1.72 -13.30 -9.37
N VAL B 299 1.39 -14.42 -10.01
CA VAL B 299 1.91 -15.72 -9.61
C VAL B 299 3.38 -15.76 -10.02
N THR B 300 4.27 -15.69 -9.03
CA THR B 300 5.69 -15.60 -9.34
C THR B 300 6.30 -16.95 -9.72
N ALA B 301 5.58 -18.05 -9.48
CA ALA B 301 6.07 -19.39 -9.81
C ALA B 301 5.08 -20.05 -10.77
N ASN B 302 5.45 -20.12 -12.04
CA ASN B 302 4.67 -20.84 -13.05
C ASN B 302 5.18 -22.28 -13.11
N PRO B 303 4.37 -23.24 -13.51
CA PRO B 303 4.83 -24.64 -13.54
C PRO B 303 5.82 -24.91 -14.66
N TRP B 304 6.12 -23.91 -15.48
CA TRP B 304 6.99 -24.10 -16.64
C TRP B 304 8.40 -23.56 -16.46
N ASN B 305 8.55 -22.31 -16.02
CA ASN B 305 9.89 -21.75 -15.85
C ASN B 305 10.64 -22.36 -14.67
N THR B 306 10.05 -23.36 -14.00
CA THR B 306 10.77 -24.09 -12.96
C THR B 306 11.20 -25.47 -13.43
N ILE B 307 10.36 -26.18 -14.19
CA ILE B 307 10.77 -27.47 -14.68
C ILE B 307 11.84 -27.33 -15.75
N ALA B 308 11.81 -26.24 -16.53
CA ALA B 308 12.87 -25.99 -17.49
C ALA B 308 14.19 -25.77 -16.79
N LEU B 309 14.17 -25.04 -15.67
CA LEU B 309 15.40 -24.80 -14.92
C LEU B 309 15.89 -26.08 -14.26
N LEU B 310 14.97 -26.91 -13.76
CA LEU B 310 15.36 -28.20 -13.20
C LEU B 310 16.01 -29.08 -14.27
N CYS B 311 15.47 -29.08 -15.49
CA CYS B 311 16.08 -29.84 -16.56
C CYS B 311 17.44 -29.28 -16.95
N GLY B 312 17.57 -27.95 -16.96
CA GLY B 312 18.88 -27.35 -17.21
C GLY B 312 19.92 -27.76 -16.19
N ALA B 313 19.51 -27.82 -14.92
CA ALA B 313 20.44 -28.25 -13.88
C ALA B 313 20.77 -29.73 -13.99
N PHE B 314 19.76 -30.56 -14.31
CA PHE B 314 20.01 -31.97 -14.55
C PHE B 314 21.01 -32.16 -15.68
N LEU B 315 20.89 -31.37 -16.75
CA LEU B 315 21.84 -31.49 -17.85
C LEU B 315 23.22 -31.00 -17.45
N ALA B 316 23.28 -29.92 -16.67
CA ALA B 316 24.56 -29.48 -16.15
C ALA B 316 25.24 -30.60 -15.39
N LEU B 317 24.47 -31.32 -14.58
CA LEU B 317 25.03 -32.43 -13.81
C LEU B 317 25.41 -33.61 -14.69
N PHE B 318 24.63 -33.88 -15.74
CA PHE B 318 24.98 -34.94 -16.68
C PHE B 318 26.29 -34.64 -17.39
N LYS B 319 26.41 -33.40 -17.88
CA LYS B 319 27.65 -32.96 -18.58
C LYS B 319 28.80 -33.02 -17.57
N ALA B 320 28.55 -32.64 -16.31
CA ALA B 320 29.59 -32.72 -15.30
C ALA B 320 30.02 -34.16 -15.07
N ALA B 321 29.08 -35.10 -15.08
CA ALA B 321 29.42 -36.51 -14.94
C ALA B 321 30.24 -36.98 -16.14
N GLU B 322 29.92 -36.48 -17.33
CA GLU B 322 30.73 -36.82 -18.50
C GLU B 322 32.14 -36.28 -18.38
N PHE B 323 32.27 -35.01 -17.97
CA PHE B 323 33.59 -34.44 -17.73
C PHE B 323 34.31 -35.20 -16.62
N ALA B 324 33.56 -35.77 -15.68
CA ALA B 324 34.19 -36.55 -14.61
C ALA B 324 34.69 -37.89 -15.12
N LYS B 325 33.95 -38.50 -16.03
CA LYS B 325 34.45 -39.70 -16.71
C LYS B 325 35.72 -39.38 -17.50
N LEU B 326 35.74 -38.21 -18.14
CA LEU B 326 36.94 -37.78 -18.84
C LEU B 326 38.09 -37.58 -17.88
N SER B 327 37.83 -36.99 -16.72
CA SER B 327 38.87 -36.81 -15.71
C SER B 327 39.35 -38.14 -15.16
N ILE B 328 38.46 -39.12 -15.05
CA ILE B 328 38.87 -40.45 -14.61
C ILE B 328 39.77 -41.09 -15.67
N LYS B 329 39.45 -40.86 -16.94
CA LYS B 329 40.32 -41.33 -18.00
C LYS B 329 41.70 -40.67 -17.92
N TRP B 330 41.73 -39.36 -17.66
CA TRP B 330 43.02 -38.67 -17.51
C TRP B 330 43.79 -39.21 -16.31
N MET B 331 43.10 -39.50 -15.22
CA MET B 331 43.76 -40.04 -14.04
C MET B 331 44.29 -41.45 -14.28
N ILE B 332 43.55 -42.26 -15.04
CA ILE B 332 44.05 -43.59 -15.40
C ILE B 332 45.29 -43.46 -16.29
N LYS B 333 45.29 -42.50 -17.21
CA LYS B 333 46.47 -42.28 -18.04
C LYS B 333 47.66 -41.83 -17.20
N ILE B 334 47.41 -40.97 -16.21
CA ILE B 334 48.49 -40.50 -15.35
C ILE B 334 49.04 -41.64 -14.51
N ARG B 335 48.15 -42.52 -14.04
CA ARG B 335 48.59 -43.68 -13.26
C ARG B 335 49.40 -44.64 -14.13
N LYS B 336 48.99 -44.81 -15.39
CA LYS B 336 49.78 -45.63 -16.31
C LYS B 336 51.13 -45.00 -16.61
N ARG B 337 51.19 -43.67 -16.58
CA ARG B 337 52.47 -42.98 -16.78
C ARG B 337 53.41 -43.23 -15.62
N TYR B 338 52.87 -43.39 -14.42
CA TYR B 338 53.69 -43.65 -13.24
C TYR B 338 53.98 -45.14 -13.08
N CYS C 61 49.76 -21.21 -46.71
CA CYS C 61 50.14 -20.58 -45.46
C CYS C 61 48.93 -19.98 -44.75
N LEU C 62 47.78 -20.03 -45.41
CA LEU C 62 46.54 -19.50 -44.85
C LEU C 62 45.69 -20.57 -44.18
N LYS C 63 46.23 -21.73 -43.83
CA LYS C 63 45.46 -22.74 -43.12
C LYS C 63 45.23 -22.33 -41.68
N ASN C 64 46.23 -21.76 -41.02
CA ASN C 64 46.05 -21.24 -39.68
C ASN C 64 44.97 -20.17 -39.64
N VAL C 65 44.74 -19.48 -40.76
CA VAL C 65 43.62 -18.55 -40.84
C VAL C 65 42.30 -19.29 -40.65
N PHE C 66 42.11 -20.40 -41.35
CA PHE C 66 40.89 -21.18 -41.19
C PHE C 66 40.81 -21.78 -39.79
N SER C 67 41.96 -22.11 -39.22
CA SER C 67 42.00 -22.60 -37.84
C SER C 67 41.46 -21.55 -36.88
N VAL C 68 42.02 -20.35 -36.92
CA VAL C 68 41.54 -19.26 -36.08
C VAL C 68 40.10 -18.90 -36.43
N LEU C 69 39.67 -19.19 -37.65
CA LEU C 69 38.27 -18.95 -38.01
C LEU C 69 37.36 -19.89 -37.24
N LEU C 70 37.63 -21.20 -37.34
CA LEU C 70 36.87 -22.16 -36.54
C LEU C 70 36.96 -21.86 -35.06
N ILE C 71 38.09 -21.31 -34.61
CA ILE C 71 38.26 -20.93 -33.21
C ILE C 71 37.54 -19.63 -32.87
N PHE C 72 37.17 -18.83 -33.86
CA PHE C 72 36.41 -17.61 -33.58
C PHE C 72 35.06 -17.93 -32.96
N ILE C 73 34.51 -19.11 -33.28
CA ILE C 73 33.29 -19.54 -32.60
C ILE C 73 33.54 -19.70 -31.10
N TYR C 74 34.61 -20.40 -30.75
CA TYR C 74 35.01 -20.52 -29.35
C TYR C 74 35.19 -19.14 -28.72
N LEU C 75 35.86 -18.25 -29.45
CA LEU C 75 36.17 -16.92 -28.90
C LEU C 75 34.88 -16.14 -28.62
N LEU C 76 34.00 -16.03 -29.61
CA LEU C 76 32.77 -15.29 -29.45
C LEU C 76 31.86 -15.93 -28.40
N LEU C 77 31.87 -17.27 -28.29
CA LEU C 77 31.00 -17.91 -27.33
C LEU C 77 31.52 -17.75 -25.91
N MET C 78 32.85 -17.81 -25.73
CA MET C 78 33.41 -17.50 -24.42
C MET C 78 33.18 -16.03 -24.05
N ALA C 79 33.19 -15.14 -25.05
CA ALA C 79 32.91 -13.73 -24.80
C ALA C 79 31.47 -13.55 -24.33
N VAL C 80 30.51 -14.14 -25.05
CA VAL C 80 29.12 -14.03 -24.64
C VAL C 80 28.89 -14.76 -23.33
N ALA C 81 29.72 -15.75 -23.01
CA ALA C 81 29.60 -16.45 -21.74
C ALA C 81 30.02 -15.55 -20.59
N VAL C 82 31.16 -14.87 -20.72
CA VAL C 82 31.57 -13.97 -19.65
C VAL C 82 30.61 -12.79 -19.55
N PHE C 83 30.08 -12.33 -20.69
CA PHE C 83 29.06 -11.29 -20.65
C PHE C 83 27.81 -11.75 -19.91
N LEU C 84 27.38 -12.98 -20.15
CA LEU C 84 26.15 -13.47 -19.54
C LEU C 84 26.35 -13.73 -18.05
N VAL C 85 27.51 -14.23 -17.65
CA VAL C 85 27.74 -14.42 -16.21
C VAL C 85 27.85 -13.06 -15.53
N TYR C 86 28.42 -12.07 -16.21
CA TYR C 86 28.47 -10.72 -15.66
C TYR C 86 27.07 -10.15 -15.46
N ARG C 87 26.22 -10.27 -16.49
CA ARG C 87 24.85 -9.76 -16.38
C ARG C 87 24.07 -10.50 -15.30
N THR C 88 24.23 -11.82 -15.22
CA THR C 88 23.52 -12.58 -14.20
C THR C 88 24.00 -12.21 -12.80
N ILE C 89 25.31 -12.00 -12.66
CA ILE C 89 25.89 -11.62 -11.35
C ILE C 89 25.31 -10.25 -10.94
N THR C 90 25.33 -9.27 -11.85
CA THR C 90 24.86 -7.94 -11.49
C THR C 90 23.36 -7.93 -11.23
N ASP C 91 22.59 -8.75 -11.97
CA ASP C 91 21.16 -8.84 -11.71
C ASP C 91 20.88 -9.54 -10.38
N PHE C 92 21.71 -10.51 -10.00
CA PHE C 92 21.54 -11.15 -8.71
C PHE C 92 21.89 -10.19 -7.59
N ARG C 93 22.93 -9.37 -7.78
CA ARG C 93 23.24 -8.33 -6.81
C ARG C 93 22.07 -7.36 -6.66
N GLU C 94 21.46 -6.97 -7.78
CA GLU C 94 20.32 -6.06 -7.73
C GLU C 94 19.15 -6.68 -6.99
N LYS C 95 18.72 -7.88 -7.42
CA LYS C 95 17.57 -8.51 -6.80
C LYS C 95 17.84 -8.93 -5.37
N LEU C 96 19.12 -8.98 -4.97
CA LEU C 96 19.43 -9.21 -3.56
C LEU C 96 19.42 -7.92 -2.77
N LYS C 97 19.68 -6.80 -3.44
CA LYS C 97 19.65 -5.49 -2.77
C LYS C 97 18.27 -5.22 -2.17
N HIS C 98 17.25 -5.18 -3.02
CA HIS C 98 15.88 -4.86 -2.57
C HIS C 98 14.94 -5.97 -3.00
N PRO C 99 14.36 -6.71 -2.07
CA PRO C 99 13.45 -7.81 -2.42
C PRO C 99 12.08 -7.33 -2.84
N VAL C 100 11.23 -8.29 -3.17
CA VAL C 100 9.89 -7.99 -3.65
C VAL C 100 8.86 -8.27 -2.55
N MET C 101 7.92 -7.35 -2.40
CA MET C 101 6.87 -7.46 -1.40
C MET C 101 5.75 -8.35 -1.92
N SER C 102 4.93 -8.86 -1.00
CA SER C 102 3.84 -9.77 -1.34
C SER C 102 2.80 -9.73 -0.23
N VAL C 103 1.58 -9.34 -0.59
CA VAL C 103 0.49 -9.19 0.37
C VAL C 103 -0.43 -10.39 0.24
N SER C 104 -0.96 -10.85 1.38
CA SER C 104 -1.96 -11.89 1.43
C SER C 104 -2.88 -11.62 2.60
N TYR C 105 -4.17 -11.89 2.40
CA TYR C 105 -5.18 -11.61 3.41
C TYR C 105 -5.67 -12.94 3.99
N LYS C 106 -5.52 -13.10 5.30
CA LYS C 106 -5.95 -14.30 6.00
C LYS C 106 -7.13 -13.95 6.88
N GLU C 107 -8.33 -14.27 6.41
CA GLU C 107 -9.54 -14.05 7.21
C GLU C 107 -9.45 -14.86 8.50
N VAL C 108 -9.79 -14.22 9.61
CA VAL C 108 -9.74 -14.85 10.91
C VAL C 108 -11.16 -15.02 11.43
N ASP C 109 -11.41 -16.11 12.15
CA ASP C 109 -12.74 -16.34 12.72
C ASP C 109 -13.08 -15.25 13.74
N ARG C 110 -12.16 -14.97 14.65
CA ARG C 110 -12.36 -13.92 15.64
C ARG C 110 -10.99 -13.42 16.09
N TYR C 111 -10.87 -12.12 16.29
CA TYR C 111 -9.57 -11.55 16.61
C TYR C 111 -9.16 -11.86 18.04
N ASP C 112 -7.86 -11.79 18.28
CA ASP C 112 -7.36 -11.78 19.64
C ASP C 112 -7.49 -10.38 20.23
N ALA C 113 -8.17 -10.29 21.37
CA ALA C 113 -8.53 -9.03 22.01
C ALA C 113 -7.37 -8.06 22.08
N PRO C 114 -7.41 -6.96 21.32
CA PRO C 114 -6.31 -6.01 21.35
C PRO C 114 -6.25 -5.24 22.65
N GLY C 115 -5.19 -4.46 22.81
CA GLY C 115 -4.97 -3.69 24.00
C GLY C 115 -4.88 -2.21 23.67
N ILE C 116 -5.85 -1.46 24.17
CA ILE C 116 -5.96 -0.04 23.87
C ILE C 116 -5.32 0.73 25.01
N ALA C 117 -4.12 1.25 24.78
CA ALA C 117 -3.34 1.92 25.82
C ALA C 117 -3.63 3.41 25.78
N LEU C 118 -4.84 3.77 26.22
CA LEU C 118 -5.19 5.18 26.31
C LEU C 118 -4.32 5.88 27.36
N TYR C 119 -4.05 7.15 27.13
CA TYR C 119 -3.25 7.98 28.02
C TYR C 119 -4.09 9.16 28.50
N PRO C 120 -5.10 8.92 29.33
CA PRO C 120 -6.00 10.01 29.70
C PRO C 120 -5.34 11.09 30.53
N GLY C 121 -4.34 10.74 31.34
CA GLY C 121 -3.76 11.70 32.26
C GLY C 121 -4.73 12.04 33.37
N GLN C 122 -5.27 13.26 33.34
CA GLN C 122 -6.21 13.69 34.37
C GLN C 122 -7.66 13.37 34.02
N ALA C 123 -7.98 13.22 32.74
CA ALA C 123 -9.35 13.01 32.31
C ALA C 123 -9.85 11.65 32.77
N GLN C 124 -10.73 11.65 33.76
CA GLN C 124 -11.38 10.42 34.17
C GLN C 124 -12.31 9.94 33.05
N LEU C 125 -12.42 8.62 32.90
CA LEU C 125 -13.27 8.01 31.89
C LEU C 125 -14.62 7.69 32.51
N LEU C 126 -15.68 7.92 31.74
CA LEU C 126 -17.01 7.68 32.27
C LEU C 126 -17.42 6.22 32.13
N SER C 127 -17.51 5.73 30.90
CA SER C 127 -18.18 4.46 30.67
C SER C 127 -17.40 3.59 29.69
N CYS C 128 -17.72 2.30 29.73
CA CYS C 128 -17.33 1.31 28.74
C CYS C 128 -18.56 0.51 28.35
N LYS C 129 -18.68 0.16 27.08
CA LYS C 129 -19.77 -0.72 26.68
C LYS C 129 -19.42 -1.36 25.35
N HIS C 130 -19.14 -2.66 25.37
CA HIS C 130 -19.08 -3.41 24.13
C HIS C 130 -20.47 -3.48 23.52
N HIS C 131 -20.53 -3.50 22.19
CA HIS C 131 -21.82 -3.50 21.50
C HIS C 131 -21.70 -4.37 20.27
N TYR C 132 -22.17 -5.61 20.37
CA TYR C 132 -22.24 -6.47 19.20
C TYR C 132 -23.13 -5.84 18.12
N GLU C 133 -24.10 -5.04 18.53
CA GLU C 133 -24.89 -4.28 17.58
C GLU C 133 -24.00 -3.31 16.81
N VAL C 134 -24.35 -3.11 15.54
CA VAL C 134 -23.57 -2.23 14.67
C VAL C 134 -23.59 -0.78 15.12
N ILE C 135 -24.50 -0.41 16.01
CA ILE C 135 -24.67 0.97 16.47
C ILE C 135 -24.67 0.97 17.98
N PRO C 136 -23.90 1.84 18.63
CA PRO C 136 -24.00 1.99 20.08
C PRO C 136 -25.27 2.73 20.45
N PRO C 137 -26.11 2.15 21.29
CA PRO C 137 -27.36 2.81 21.67
C PRO C 137 -27.13 4.18 22.31
N LEU C 138 -28.23 4.90 22.48
CA LEU C 138 -28.17 6.30 22.87
C LEU C 138 -27.52 6.46 24.24
N THR C 139 -26.54 7.35 24.33
CA THR C 139 -25.78 7.55 25.54
C THR C 139 -26.42 8.61 26.43
N SER C 140 -25.82 8.82 27.60
CA SER C 140 -26.26 9.86 28.53
C SER C 140 -25.03 10.58 29.05
N PRO C 141 -24.77 11.79 28.57
CA PRO C 141 -23.50 12.46 28.86
C PRO C 141 -23.41 12.93 30.29
N GLY C 142 -22.18 13.21 30.71
CA GLY C 142 -21.91 13.74 32.05
C GLY C 142 -22.16 12.78 33.19
N GLN C 143 -22.64 11.57 32.92
CA GLN C 143 -22.96 10.61 33.96
C GLN C 143 -21.89 9.53 33.98
N PRO C 144 -21.10 9.41 35.04
CA PRO C 144 -20.09 8.34 35.10
C PRO C 144 -20.72 6.97 35.29
N GLY C 145 -19.90 5.95 35.41
CA GLY C 145 -20.38 4.60 35.62
C GLY C 145 -20.59 3.85 34.31
N ASP C 146 -21.42 2.82 34.39
CA ASP C 146 -21.77 1.94 33.27
C ASP C 146 -20.55 1.25 32.68
N MET C 147 -19.41 1.27 33.36
CA MET C 147 -18.18 0.65 32.87
C MET C 147 -18.33 -0.86 32.87
N ASN C 148 -18.03 -1.50 31.76
CA ASN C 148 -17.99 -2.96 31.67
C ASN C 148 -16.75 -3.40 30.89
N CYS C 149 -15.65 -2.66 31.06
CA CYS C 149 -14.37 -3.02 30.47
C CYS C 149 -13.66 -4.00 31.39
N THR C 150 -12.69 -4.72 30.82
CA THR C 150 -11.68 -5.40 31.61
C THR C 150 -10.46 -4.50 31.69
N THR C 151 -10.71 -3.28 32.14
CA THR C 151 -9.70 -2.23 32.14
C THR C 151 -8.60 -2.53 33.15
N GLN C 152 -7.46 -1.85 32.97
CA GLN C 152 -6.33 -2.00 33.88
C GLN C 152 -5.44 -0.78 33.70
N ARG C 153 -5.25 0.00 34.75
CA ARG C 153 -4.40 1.17 34.73
C ARG C 153 -2.97 0.75 35.08
N ILE C 154 -2.01 1.17 34.27
CA ILE C 154 -0.61 0.76 34.43
C ILE C 154 0.29 1.96 34.17
N ASN C 155 1.31 2.11 35.01
CA ASN C 155 2.30 3.17 34.89
C ASN C 155 3.59 2.64 34.29
N TYR C 156 4.40 3.55 33.77
CA TYR C 156 5.72 3.24 33.25
C TYR C 156 6.39 4.57 32.90
N THR C 157 7.65 4.47 32.46
CA THR C 157 8.44 5.64 32.10
C THR C 157 8.61 5.67 30.59
N ASP C 158 8.36 6.83 30.00
CA ASP C 158 8.43 6.98 28.55
C ASP C 158 9.83 6.64 28.04
N PRO C 159 9.98 5.54 27.30
CA PRO C 159 11.34 5.18 26.81
C PRO C 159 11.98 6.28 26.00
N PHE C 160 11.18 7.13 25.35
CA PHE C 160 11.73 8.26 24.63
C PHE C 160 12.44 9.23 25.56
N SER C 161 11.87 9.51 26.73
CA SER C 161 12.38 10.55 27.62
C SER C 161 13.04 9.98 28.87
N ASN C 162 12.34 9.10 29.60
CA ASN C 162 12.72 8.67 30.94
C ASN C 162 12.78 9.85 31.90
N GLN C 163 12.14 10.96 31.53
CA GLN C 163 12.11 12.15 32.38
C GLN C 163 10.72 12.48 32.89
N THR C 164 9.69 11.71 32.53
CA THR C 164 8.33 12.01 32.97
C THR C 164 7.53 10.71 32.92
N VAL C 165 6.91 10.35 34.05
CA VAL C 165 6.04 9.18 34.08
C VAL C 165 4.72 9.52 33.38
N LYS C 166 4.32 8.66 32.46
CA LYS C 166 3.10 8.85 31.67
C LYS C 166 2.08 7.83 32.13
N SER C 167 1.15 8.25 32.98
CA SER C 167 0.07 7.37 33.41
C SER C 167 -0.72 6.91 32.20
N ALA C 168 -1.13 5.63 32.22
CA ALA C 168 -1.81 5.02 31.10
C ALA C 168 -3.09 4.36 31.57
N LEU C 169 -3.73 3.64 30.65
CA LEU C 169 -4.96 2.91 30.91
C LEU C 169 -5.15 1.93 29.77
N ILE C 170 -5.36 0.67 30.10
CA ILE C 170 -5.45 -0.39 29.12
C ILE C 170 -6.88 -0.89 29.06
N VAL C 171 -7.35 -1.18 27.85
CA VAL C 171 -8.71 -1.65 27.62
C VAL C 171 -8.65 -2.87 26.72
N GLN C 172 -9.48 -3.86 27.01
CA GLN C 172 -9.61 -5.02 26.15
C GLN C 172 -10.55 -4.69 25.00
N GLY C 173 -9.98 -4.55 23.80
CA GLY C 173 -10.74 -4.13 22.66
C GLY C 173 -11.75 -5.18 22.22
N PRO C 174 -12.33 -4.97 21.06
CA PRO C 174 -13.34 -5.92 20.56
C PRO C 174 -12.69 -7.15 19.97
N ARG C 175 -13.43 -8.25 20.04
CA ARG C 175 -12.94 -9.56 19.59
C ARG C 175 -13.67 -10.10 18.37
N GLU C 176 -15.00 -10.01 18.35
CA GLU C 176 -15.81 -10.68 17.35
C GLU C 176 -16.09 -9.73 16.19
N VAL C 177 -15.25 -9.79 15.17
CA VAL C 177 -15.41 -8.93 14.00
C VAL C 177 -16.67 -9.27 13.22
N LYS C 178 -16.97 -10.55 13.03
CA LYS C 178 -18.18 -10.93 12.31
C LYS C 178 -19.43 -10.54 13.09
N LYS C 179 -19.36 -10.56 14.41
CA LYS C 179 -20.46 -10.04 15.22
C LYS C 179 -20.43 -8.52 15.34
N ARG C 180 -19.37 -7.88 14.84
CA ARG C 180 -19.28 -6.42 14.78
C ARG C 180 -19.26 -5.79 16.16
N GLU C 181 -18.64 -6.48 17.11
CA GLU C 181 -18.48 -5.93 18.45
C GLU C 181 -17.62 -4.68 18.40
N LEU C 182 -17.89 -3.73 19.30
CA LEU C 182 -17.20 -2.46 19.28
C LEU C 182 -17.17 -1.85 20.69
N VAL C 183 -15.98 -1.57 21.17
CA VAL C 183 -15.81 -0.85 22.43
C VAL C 183 -16.24 0.60 22.23
N PHE C 184 -17.04 1.11 23.15
CA PHE C 184 -17.47 2.50 23.13
C PHE C 184 -17.11 3.14 24.45
N LEU C 185 -16.09 3.99 24.44
CA LEU C 185 -15.59 4.65 25.63
C LEU C 185 -16.27 6.01 25.78
N GLN C 186 -16.12 6.60 26.95
CA GLN C 186 -16.56 7.97 27.21
C GLN C 186 -15.58 8.57 28.22
N PHE C 187 -15.26 9.84 28.05
CA PHE C 187 -14.31 10.53 28.90
C PHE C 187 -14.84 11.90 29.27
N ARG C 188 -14.20 12.52 30.25
CA ARG C 188 -14.51 13.88 30.67
C ARG C 188 -13.23 14.58 31.11
N LEU C 189 -13.11 15.85 30.73
CA LEU C 189 -12.04 16.73 31.19
C LEU C 189 -12.71 18.01 31.66
N ASN C 190 -13.07 18.05 32.94
CA ASN C 190 -13.70 19.23 33.49
C ASN C 190 -12.75 20.42 33.37
N LYS C 191 -13.31 21.55 32.95
CA LYS C 191 -12.58 22.63 32.28
C LYS C 191 -11.18 22.85 32.86
N SER C 192 -10.18 22.84 31.99
CA SER C 192 -8.79 23.01 32.37
C SER C 192 -8.08 23.99 31.43
N SER C 193 -6.75 24.07 31.54
CA SER C 193 -5.99 25.02 30.74
C SER C 193 -5.21 24.34 29.63
N GLU C 194 -5.77 23.26 29.07
CA GLU C 194 -5.09 22.53 28.01
C GLU C 194 -5.13 23.24 26.66
N ASP C 195 -6.23 23.94 26.38
CA ASP C 195 -6.42 24.73 25.16
C ASP C 195 -6.60 23.85 23.93
N PHE C 196 -6.39 22.55 24.09
CA PHE C 196 -6.62 21.59 23.00
C PHE C 196 -6.85 20.23 23.65
N SER C 197 -8.11 19.82 23.72
CA SER C 197 -8.49 18.58 24.38
C SER C 197 -8.15 17.40 23.48
N ALA C 198 -7.18 16.58 23.91
CA ALA C 198 -6.77 15.43 23.12
C ALA C 198 -6.29 14.35 24.07
N ILE C 199 -6.80 13.12 23.90
CA ILE C 199 -6.36 11.98 24.69
C ILE C 199 -5.75 10.97 23.72
N ASP C 200 -4.42 10.86 23.73
CA ASP C 200 -3.76 9.93 22.84
C ASP C 200 -3.85 8.50 23.37
N TYR C 201 -3.76 7.54 22.46
CA TYR C 201 -3.88 6.14 22.82
C TYR C 201 -2.88 5.33 22.02
N LEU C 202 -3.04 4.01 22.08
CA LEU C 202 -2.05 3.09 21.55
C LEU C 202 -2.67 1.71 21.49
N LEU C 203 -2.25 0.92 20.51
CA LEU C 203 -2.84 -0.39 20.29
C LEU C 203 -1.75 -1.44 20.21
N PHE C 204 -1.82 -2.45 21.07
CA PHE C 204 -1.05 -3.66 20.90
C PHE C 204 -1.99 -4.83 20.63
N SER C 205 -1.41 -5.95 20.19
CA SER C 205 -2.17 -6.93 19.43
C SER C 205 -3.09 -7.77 20.31
N SER C 206 -2.57 -8.31 21.42
CA SER C 206 -3.34 -9.24 22.23
C SER C 206 -3.22 -8.86 23.70
N PHE C 207 -4.37 -8.56 24.30
CA PHE C 207 -4.49 -8.10 25.68
C PHE C 207 -4.13 -9.17 26.70
N GLN C 208 -4.52 -10.42 26.45
CA GLN C 208 -4.21 -11.50 27.38
C GLN C 208 -2.71 -11.69 27.51
N GLU C 209 -1.97 -11.51 26.42
CA GLU C 209 -0.51 -11.56 26.49
C GLU C 209 0.01 -10.50 27.45
N PHE C 210 -0.57 -9.30 27.40
CA PHE C 210 -0.16 -8.25 28.33
C PHE C 210 -0.46 -8.64 29.76
N LEU C 211 -1.65 -9.21 30.00
CA LEU C 211 -2.01 -9.64 31.34
C LEU C 211 -1.04 -10.70 31.87
N GLN C 212 -0.64 -11.63 31.01
CA GLN C 212 0.13 -12.78 31.45
C GLN C 212 1.63 -12.52 31.41
N SER C 213 2.09 -11.59 30.56
CA SER C 213 3.52 -11.37 30.39
C SER C 213 4.18 -10.98 31.71
N PRO C 214 5.46 -11.26 31.87
CA PRO C 214 6.18 -10.85 33.07
C PRO C 214 6.78 -9.45 32.92
N ASN C 215 6.69 -8.69 34.01
CA ASN C 215 7.16 -7.31 34.04
C ASN C 215 6.60 -6.51 32.88
N ARG C 216 5.27 -6.39 32.83
CA ARG C 216 4.63 -5.65 31.75
C ARG C 216 5.00 -4.17 31.77
N VAL C 217 5.60 -3.70 32.86
CA VAL C 217 6.07 -2.32 32.91
C VAL C 217 7.07 -2.04 31.80
N GLY C 218 7.78 -3.07 31.34
CA GLY C 218 8.72 -2.91 30.25
C GLY C 218 8.13 -3.35 28.93
N PHE C 219 7.21 -4.31 28.97
CA PHE C 219 6.47 -4.69 27.78
C PHE C 219 5.72 -3.49 27.21
N MET C 220 5.24 -2.61 28.09
CA MET C 220 4.53 -1.42 27.64
C MET C 220 5.47 -0.44 26.93
N GLN C 221 6.69 -0.26 27.44
CA GLN C 221 7.66 0.56 26.74
C GLN C 221 8.01 -0.06 25.39
N ALA C 222 8.15 -1.39 25.35
CA ALA C 222 8.39 -2.06 24.08
C ALA C 222 7.28 -1.79 23.09
N CYS C 223 6.03 -1.83 23.55
CA CYS C 223 4.89 -1.52 22.68
C CYS C 223 4.96 -0.08 22.20
N GLU C 224 5.12 0.86 23.13
CA GLU C 224 5.16 2.28 22.77
C GLU C 224 6.25 2.56 21.75
N SER C 225 7.37 1.84 21.81
CA SER C 225 8.40 2.01 20.80
C SER C 225 8.06 1.30 19.51
N ALA C 226 7.34 0.18 19.58
CA ALA C 226 7.03 -0.60 18.39
C ALA C 226 5.88 0.01 17.60
N TYR C 227 4.74 0.21 18.24
CA TYR C 227 3.57 0.76 17.58
C TYR C 227 3.67 2.28 17.54
N SER C 228 2.60 2.95 17.10
CA SER C 228 2.57 4.40 17.03
C SER C 228 1.35 4.92 17.78
N SER C 229 1.50 6.08 18.41
CA SER C 229 0.50 6.62 19.32
C SER C 229 -0.18 7.82 18.65
N TRP C 230 -1.40 7.59 18.15
CA TRP C 230 -2.20 8.62 17.52
C TRP C 230 -3.36 8.98 18.43
N LYS C 231 -3.61 10.28 18.58
CA LYS C 231 -4.59 10.79 19.52
C LYS C 231 -5.98 10.83 18.89
N PHE C 232 -7.00 10.60 19.72
CA PHE C 232 -8.37 10.89 19.34
C PHE C 232 -8.77 12.21 19.96
N SER C 233 -9.54 12.98 19.20
CA SER C 233 -9.81 14.36 19.59
C SER C 233 -10.81 14.44 20.73
N GLY C 234 -11.11 15.67 21.12
CA GLY C 234 -12.04 15.93 22.18
C GLY C 234 -13.16 16.87 21.79
N GLY C 235 -14.39 16.38 21.79
CA GLY C 235 -15.52 17.19 21.39
C GLY C 235 -16.36 16.51 20.34
N PHE C 236 -15.91 15.34 19.86
CA PHE C 236 -16.69 14.58 18.91
C PHE C 236 -16.24 13.12 18.91
N ARG C 237 -17.18 12.24 18.57
CA ARG C 237 -16.95 10.80 18.60
C ARG C 237 -16.07 10.39 17.43
N THR C 238 -14.99 9.66 17.72
CA THR C 238 -14.04 9.22 16.71
C THR C 238 -14.20 7.71 16.53
N TRP C 239 -14.86 7.32 15.45
CA TRP C 239 -15.07 5.91 15.15
C TRP C 239 -13.79 5.29 14.59
N VAL C 240 -12.96 4.76 15.48
CA VAL C 240 -11.66 4.20 15.11
C VAL C 240 -11.91 2.77 14.63
N LYS C 241 -11.64 2.52 13.36
CA LYS C 241 -11.79 1.19 12.78
C LYS C 241 -10.42 0.54 12.66
N MET C 242 -9.97 -0.12 13.72
CA MET C 242 -8.66 -0.76 13.73
C MET C 242 -8.57 -1.86 12.68
N SER C 243 -7.34 -2.24 12.37
CA SER C 243 -7.05 -3.32 11.44
C SER C 243 -5.58 -3.69 11.59
N LEU C 244 -5.28 -4.99 11.51
CA LEU C 244 -3.93 -5.47 11.76
C LEU C 244 -3.17 -5.67 10.45
N VAL C 245 -1.84 -5.64 10.57
CA VAL C 245 -0.93 -6.07 9.52
C VAL C 245 0.22 -6.84 10.15
N LYS C 246 0.20 -8.17 10.00
CA LYS C 246 1.24 -9.04 10.51
C LYS C 246 2.34 -9.11 9.45
N THR C 247 3.21 -8.09 9.43
CA THR C 247 4.31 -8.05 8.49
C THR C 247 5.44 -8.94 8.98
N LYS C 248 6.08 -9.64 8.05
CA LYS C 248 7.16 -10.58 8.38
C LYS C 248 8.46 -10.09 7.75
N GLU C 249 9.36 -9.59 8.57
CA GLU C 249 10.73 -9.36 8.11
C GLU C 249 11.35 -10.69 7.76
N GLU C 250 12.32 -10.67 6.84
CA GLU C 250 12.86 -11.93 6.33
C GLU C 250 13.70 -12.66 7.36
N ASP C 251 14.16 -11.96 8.41
CA ASP C 251 14.98 -12.61 9.42
C ASP C 251 14.11 -13.38 10.42
N GLY C 252 13.25 -14.26 9.92
CA GLY C 252 12.42 -15.11 10.74
C GLY C 252 11.69 -14.44 11.88
N ARG C 253 10.97 -13.37 11.58
CA ARG C 253 10.22 -12.63 12.59
C ARG C 253 8.86 -12.24 12.04
N GLU C 254 7.93 -11.97 12.95
CA GLU C 254 6.59 -11.54 12.60
C GLU C 254 6.24 -10.29 13.40
N ALA C 255 6.06 -9.18 12.70
CA ALA C 255 5.80 -7.90 13.33
C ALA C 255 4.33 -7.54 13.15
N VAL C 256 3.67 -7.22 14.25
CA VAL C 256 2.25 -6.87 14.25
C VAL C 256 2.11 -5.36 14.40
N GLU C 257 1.49 -4.72 13.42
CA GLU C 257 1.31 -3.28 13.37
C GLU C 257 -0.17 -2.96 13.17
N PHE C 258 -0.64 -1.92 13.85
CA PHE C 258 -2.03 -1.46 13.72
C PHE C 258 -2.10 -0.31 12.73
N ARG C 259 -2.97 -0.44 11.74
CA ARG C 259 -3.27 0.62 10.79
C ARG C 259 -4.76 0.89 10.86
N GLN C 260 -5.14 2.02 11.43
CA GLN C 260 -6.56 2.31 11.68
C GLN C 260 -7.01 3.48 10.80
N GLU C 261 -8.32 3.53 10.58
CA GLU C 261 -8.94 4.61 9.81
C GLU C 261 -10.00 5.26 10.67
N THR C 262 -9.64 6.37 11.31
CA THR C 262 -10.57 7.14 12.12
C THR C 262 -11.66 7.76 11.23
N SER C 263 -12.78 8.10 11.85
CA SER C 263 -13.86 8.82 11.18
C SER C 263 -14.61 9.59 12.25
N VAL C 264 -14.32 10.87 12.37
CA VAL C 264 -14.88 11.68 13.44
C VAL C 264 -16.33 12.02 13.13
N VAL C 265 -17.14 12.11 14.18
CA VAL C 265 -18.54 12.48 14.08
C VAL C 265 -18.83 13.53 15.13
N ASN C 266 -19.27 14.71 14.70
CA ASN C 266 -19.42 15.83 15.62
C ASN C 266 -20.44 15.53 16.71
N TYR C 267 -20.19 16.06 17.89
CA TYR C 267 -21.07 15.90 19.04
C TYR C 267 -21.98 17.11 19.15
N ILE C 268 -23.28 16.88 19.11
CA ILE C 268 -24.27 17.93 19.27
C ILE C 268 -24.42 18.16 20.77
N ASP C 269 -23.79 19.23 21.27
CA ASP C 269 -23.81 19.55 22.69
C ASP C 269 -25.10 20.23 23.13
N GLN C 270 -26.10 20.29 22.26
CA GLN C 270 -27.38 20.88 22.63
C GLN C 270 -28.13 20.00 23.63
N ARG C 271 -27.71 18.75 23.82
CA ARG C 271 -28.39 17.90 24.79
C ARG C 271 -28.06 18.31 26.22
N PRO C 272 -26.80 18.48 26.63
CA PRO C 272 -26.55 19.06 27.96
C PRO C 272 -27.02 20.50 28.05
N ALA C 273 -26.51 21.34 27.15
CA ALA C 273 -26.89 22.75 27.04
C ALA C 273 -26.91 23.43 28.41
N ALA C 274 -25.75 23.43 29.06
CA ALA C 274 -25.64 23.97 30.41
C ALA C 274 -24.53 25.02 30.44
N LYS C 275 -24.23 25.50 31.64
CA LYS C 275 -23.17 26.49 31.84
C LYS C 275 -21.85 25.85 32.25
N LYS C 276 -21.82 24.53 32.40
CA LYS C 276 -20.56 23.86 32.74
C LYS C 276 -19.66 23.75 31.52
N SER C 277 -20.19 23.24 30.41
CA SER C 277 -19.44 23.11 29.15
C SER C 277 -18.09 22.43 29.38
N ALA C 278 -18.12 21.30 30.10
CA ALA C 278 -16.93 20.54 30.40
C ALA C 278 -16.60 19.66 29.20
N GLN C 279 -15.30 19.56 28.89
CA GLN C 279 -14.88 18.76 27.74
C GLN C 279 -15.10 17.29 28.00
N LEU C 280 -15.65 16.60 27.01
CA LEU C 280 -15.98 15.19 27.12
C LEU C 280 -15.67 14.50 25.79
N PHE C 281 -15.03 13.34 25.87
CA PHE C 281 -14.48 12.64 24.72
C PHE C 281 -15.22 11.35 24.48
N PHE C 282 -15.41 11.00 23.21
CA PHE C 282 -16.09 9.76 22.83
C PHE C 282 -15.22 9.02 21.83
N VAL C 283 -15.15 7.70 22.00
CA VAL C 283 -14.39 6.85 21.09
C VAL C 283 -15.23 5.63 20.76
N VAL C 284 -14.92 5.02 19.63
CA VAL C 284 -15.49 3.73 19.24
C VAL C 284 -14.33 2.94 18.64
N PHE C 285 -14.01 1.80 19.23
CA PHE C 285 -12.96 0.94 18.71
C PHE C 285 -13.59 -0.28 18.08
N GLU C 286 -13.34 -0.48 16.79
CA GLU C 286 -13.96 -1.52 16.02
C GLU C 286 -12.92 -2.22 15.17
N TRP C 287 -13.25 -3.42 14.70
CA TRP C 287 -12.41 -4.13 13.75
C TRP C 287 -12.95 -3.86 12.35
N LYS C 288 -12.10 -3.30 11.49
CA LYS C 288 -12.56 -2.88 10.17
C LYS C 288 -13.06 -4.07 9.36
N ASP C 289 -12.19 -5.02 9.07
CA ASP C 289 -12.55 -6.16 8.25
C ASP C 289 -12.13 -7.42 8.97
N PRO C 290 -12.78 -8.56 8.70
CA PRO C 290 -12.35 -9.82 9.34
C PRO C 290 -11.04 -10.35 8.81
N PHE C 291 -10.33 -9.61 7.96
CA PHE C 291 -9.09 -10.07 7.39
C PHE C 291 -7.90 -9.51 8.15
N ILE C 292 -6.73 -10.10 7.91
CA ILE C 292 -5.48 -9.64 8.51
C ILE C 292 -4.48 -9.54 7.36
N GLN C 293 -4.31 -8.33 6.83
CA GLN C 293 -3.35 -8.08 5.77
C GLN C 293 -1.93 -8.39 6.26
N LYS C 294 -1.37 -9.52 5.84
CA LYS C 294 0.00 -9.88 6.21
C LYS C 294 0.90 -9.77 5.00
N VAL C 295 1.95 -8.96 5.12
CA VAL C 295 2.87 -8.67 4.02
C VAL C 295 4.25 -9.19 4.39
N GLN C 296 4.89 -9.90 3.46
CA GLN C 296 6.23 -10.42 3.65
C GLN C 296 7.05 -10.13 2.40
N ASP C 297 8.22 -9.53 2.60
CA ASP C 297 9.14 -9.24 1.50
C ASP C 297 9.71 -10.57 0.99
N ILE C 298 9.27 -10.98 -0.19
CA ILE C 298 9.77 -12.22 -0.79
C ILE C 298 11.12 -11.93 -1.43
N VAL C 299 12.12 -12.74 -1.09
CA VAL C 299 13.43 -12.65 -1.74
C VAL C 299 13.27 -13.21 -3.15
N THR C 300 13.31 -12.33 -4.14
CA THR C 300 13.05 -12.76 -5.51
C THR C 300 14.26 -13.45 -6.14
N ALA C 301 15.43 -13.37 -5.52
CA ALA C 301 16.64 -14.00 -6.05
C ALA C 301 17.18 -14.97 -5.00
N ASN C 302 16.98 -16.26 -5.23
CA ASN C 302 17.56 -17.30 -4.39
C ASN C 302 18.91 -17.70 -4.97
N PRO C 303 19.84 -18.20 -4.17
CA PRO C 303 21.16 -18.54 -4.72
C PRO C 303 21.15 -19.79 -5.59
N TRP C 304 19.98 -20.42 -5.73
CA TRP C 304 19.89 -21.68 -6.47
C TRP C 304 19.27 -21.54 -7.85
N ASN C 305 18.13 -20.89 -7.97
CA ASN C 305 17.50 -20.75 -9.29
C ASN C 305 18.26 -19.79 -10.20
N THR C 306 19.41 -19.27 -9.76
CA THR C 306 20.25 -18.48 -10.64
C THR C 306 21.49 -19.25 -11.09
N ILE C 307 22.10 -20.05 -10.22
CA ILE C 307 23.26 -20.83 -10.64
C ILE C 307 22.82 -21.95 -11.57
N ALA C 308 21.61 -22.48 -11.38
CA ALA C 308 21.09 -23.48 -12.30
C ALA C 308 20.90 -22.88 -13.69
N LEU C 309 20.41 -21.65 -13.75
CA LEU C 309 20.22 -21.00 -15.04
C LEU C 309 21.55 -20.66 -15.69
N LEU C 310 22.52 -20.25 -14.87
CA LEU C 310 23.86 -19.99 -15.41
C LEU C 310 24.47 -21.26 -15.98
N CYS C 311 24.28 -22.40 -15.30
CA CYS C 311 24.77 -23.66 -15.83
C CYS C 311 24.03 -24.06 -17.11
N GLY C 312 22.72 -23.83 -17.15
CA GLY C 312 21.99 -24.09 -18.38
C GLY C 312 22.50 -23.28 -19.55
N ALA C 313 22.84 -22.01 -19.30
CA ALA C 313 23.36 -21.17 -20.38
C ALA C 313 24.78 -21.61 -20.77
N PHE C 314 25.60 -21.98 -19.79
CA PHE C 314 26.92 -22.52 -20.08
C PHE C 314 26.81 -23.76 -20.95
N LEU C 315 25.85 -24.63 -20.67
CA LEU C 315 25.69 -25.83 -21.48
C LEU C 315 25.17 -25.48 -22.87
N ALA C 316 24.24 -24.52 -22.96
CA ALA C 316 23.81 -24.06 -24.27
C ALA C 316 24.99 -23.60 -25.09
N LEU C 317 25.92 -22.88 -24.46
CA LEU C 317 27.10 -22.40 -25.18
C LEU C 317 28.06 -23.53 -25.52
N PHE C 318 28.19 -24.53 -24.65
CA PHE C 318 29.02 -25.68 -24.95
C PHE C 318 28.48 -26.46 -26.16
N LYS C 319 27.16 -26.70 -26.14
CA LYS C 319 26.50 -27.42 -27.26
C LYS C 319 26.66 -26.57 -28.52
N ALA C 320 26.56 -25.25 -28.39
CA ALA C 320 26.73 -24.37 -29.54
C ALA C 320 28.15 -24.47 -30.09
N ALA C 321 29.14 -24.57 -29.20
CA ALA C 321 30.51 -24.75 -29.65
C ALA C 321 30.70 -26.10 -30.35
N GLU C 322 30.00 -27.12 -29.87
CA GLU C 322 30.05 -28.42 -30.55
C GLU C 322 29.42 -28.33 -31.93
N PHE C 323 28.25 -27.70 -32.03
CA PHE C 323 27.64 -27.48 -33.34
C PHE C 323 28.52 -26.62 -34.22
N ALA C 324 29.32 -25.74 -33.63
CA ALA C 324 30.23 -24.92 -34.41
C ALA C 324 31.41 -25.74 -34.93
N LYS C 325 31.90 -26.67 -34.13
CA LYS C 325 32.90 -27.61 -34.63
C LYS C 325 32.33 -28.45 -35.76
N LEU C 326 31.06 -28.86 -35.64
CA LEU C 326 30.41 -29.58 -36.72
C LEU C 326 30.31 -28.71 -37.98
N SER C 327 29.97 -27.43 -37.80
CA SER C 327 29.90 -26.52 -38.94
C SER C 327 31.26 -26.30 -39.57
N ILE C 328 32.32 -26.29 -38.75
CA ILE C 328 33.67 -26.16 -39.29
C ILE C 328 34.03 -27.42 -40.09
N LYS C 329 33.58 -28.58 -39.62
CA LYS C 329 33.77 -29.81 -40.40
C LYS C 329 33.03 -29.73 -41.73
N TRP C 330 31.79 -29.22 -41.71
CA TRP C 330 31.04 -29.07 -42.96
C TRP C 330 31.73 -28.09 -43.90
N MET C 331 32.28 -27.01 -43.35
CA MET C 331 32.98 -26.02 -44.19
C MET C 331 34.26 -26.59 -44.77
N ILE C 332 34.98 -27.42 -43.99
CA ILE C 332 36.17 -28.08 -44.52
C ILE C 332 35.78 -29.05 -45.64
N LYS C 333 34.67 -29.76 -45.47
CA LYS C 333 34.19 -30.65 -46.54
C LYS C 333 33.82 -29.86 -47.78
N ILE C 334 33.17 -28.70 -47.60
CA ILE C 334 32.79 -27.88 -48.75
C ILE C 334 34.03 -27.34 -49.45
N ARG C 335 35.05 -26.96 -48.68
CA ARG C 335 36.30 -26.48 -49.27
C ARG C 335 37.00 -27.60 -50.04
N LYS C 336 36.96 -28.82 -49.50
CA LYS C 336 37.53 -29.96 -50.22
C LYS C 336 36.74 -30.25 -51.49
N ARG C 337 35.44 -29.97 -51.47
CA ARG C 337 34.63 -30.17 -52.67
C ARG C 337 35.02 -29.18 -53.76
N TYR C 338 35.45 -27.98 -53.38
CA TYR C 338 35.86 -26.97 -54.33
C TYR C 338 37.32 -27.14 -54.74
C1 NAG D . 1.90 38.58 -4.20
C2 NAG D . 2.54 39.96 -4.04
C3 NAG D . 1.76 40.85 -3.06
C4 NAG D . 0.27 40.79 -3.32
C5 NAG D . -0.21 39.35 -3.42
C6 NAG D . -1.70 39.27 -3.71
C7 NAG D . 4.60 40.60 -2.87
C8 NAG D . 4.98 40.10 -1.51
N2 NAG D . 3.92 39.76 -3.63
O3 NAG D . 2.20 42.21 -3.20
O4 NAG D . -0.41 41.44 -2.25
O5 NAG D . 0.50 38.70 -4.47
O6 NAG D . -1.96 39.73 -5.03
O7 NAG D . 4.91 41.72 -3.26
C1 NAG D . -0.94 42.70 -2.72
C2 NAG D . -2.06 43.14 -1.79
C3 NAG D . -2.59 44.51 -2.17
C4 NAG D . -1.44 45.50 -2.27
C5 NAG D . -0.36 44.97 -3.21
C6 NAG D . 0.82 45.93 -3.26
C7 NAG D . -4.29 42.29 -2.37
C8 NAG D . -4.38 41.81 -3.78
N2 NAG D . -3.10 42.13 -1.77
O3 NAG D . -3.52 44.96 -1.18
O4 NAG D . -1.93 46.75 -2.76
O5 NAG D . 0.09 43.69 -2.78
O6 NAG D . 0.35 47.27 -3.49
O7 NAG D . -5.25 42.79 -1.80
C1 NAG E . -38.73 3.32 0.92
C2 NAG E . -40.09 3.68 0.36
C3 NAG E . -40.71 4.88 1.06
C4 NAG E . -40.58 4.77 2.56
C5 NAG E . -39.15 4.44 2.97
C6 NAG E . -38.99 4.30 4.48
C7 NAG E . -40.67 4.74 -1.79
C8 NAG E . -39.95 5.93 -2.35
N2 NAG E . -39.92 3.90 -1.07
O3 NAG E . -42.10 4.98 0.73
O4 NAG E . -40.97 6.02 3.17
O5 NAG E . -38.76 3.22 2.35
O6 NAG E . -39.68 3.13 4.92
O7 NAG E . -41.86 4.55 -1.99
C1 NAG E . -42.24 5.85 3.82
C2 NAG E . -42.40 6.98 4.85
C3 NAG E . -43.78 6.93 5.49
C4 NAG E . -44.85 6.91 4.42
C5 NAG E . -44.60 5.78 3.43
C6 NAG E . -45.65 5.79 2.32
C7 NAG E . -41.50 6.47 7.07
C8 NAG E . -41.29 4.99 7.30
N2 NAG E . -41.33 6.89 5.82
O3 NAG E . -43.96 8.07 6.33
O4 NAG E . -46.13 6.73 5.04
O5 NAG E . -43.30 5.90 2.85
O6 NAG E . -46.95 5.89 2.90
O7 NAG E . -41.79 7.22 7.98
C1 NAG F . 0.10 5.49 38.48
C2 NAG F . -0.25 5.15 39.92
C3 NAG F . -1.25 6.14 40.52
C4 NAG F . -0.86 7.58 40.21
C5 NAG F . -0.58 7.76 38.73
C6 NAG F . -0.17 9.19 38.40
C7 NAG F . -1.65 3.33 40.80
C8 NAG F . -2.98 2.94 40.22
N2 NAG F . -0.76 3.79 39.93
O3 NAG F . -1.29 5.98 41.94
O4 NAG F . -1.94 8.44 40.59
O5 NAG F . 0.47 6.87 38.34
O6 NAG F . 1.11 9.46 38.96
O7 NAG F . -1.40 3.23 42.00
C1 NAG F . -1.55 9.17 41.77
C2 NAG F . -2.44 10.41 41.89
C3 NAG F . -2.15 11.18 43.17
C4 NAG F . -2.25 10.25 44.36
C5 NAG F . -1.36 9.03 44.16
C6 NAG F . -1.50 8.06 45.32
C7 NAG F . -1.60 12.40 40.70
C8 NAG F . -0.13 12.31 40.38
N2 NAG F . -2.26 11.25 40.70
O3 NAG F . -3.11 12.25 43.32
O4 NAG F . -1.85 10.94 45.55
O5 NAG F . -1.69 8.36 42.95
O6 NAG F . -1.37 8.78 46.57
O7 NAG F . -2.14 13.47 40.94
C1 NAG G . 14.32 31.61 16.88
C2 NAG G . 14.53 32.80 17.82
C3 NAG G . 16.02 33.02 18.07
C4 NAG G . 16.67 31.73 18.56
C5 NAG G . 16.39 30.61 17.57
C6 NAG G . 17.00 29.30 18.04
C7 NAG G . 13.02 34.69 17.95
C8 NAG G . 12.25 35.70 17.14
N2 NAG G . 13.96 34.01 17.27
O3 NAG G . 16.19 34.04 19.06
O4 NAG G . 18.08 31.92 18.68
O5 NAG G . 14.98 30.44 17.39
O6 NAG G . 18.37 29.52 18.38
O7 NAG G . 12.82 34.51 19.12
C1 NAG H . -2.32 28.86 -19.57
C2 NAG H . -2.36 27.60 -20.45
C3 NAG H . -2.63 27.95 -21.91
C4 NAG H . -3.89 28.79 -22.01
C5 NAG H . -3.76 30.00 -21.09
C6 NAG H . -4.97 30.92 -21.18
C7 NAG H . -1.12 25.54 -20.25
C8 NAG H . -0.30 24.83 -21.28
N2 NAG H . -1.12 26.87 -20.33
O3 NAG H . -2.80 26.74 -22.65
O4 NAG H . -4.08 29.23 -23.35
O5 NAG H . -3.56 29.56 -19.75
O6 NAG H . -4.63 32.20 -20.61
O7 NAG H . -1.75 24.94 -19.40
C1 NAG I . -9.04 41.53 11.48
C2 NAG I . -8.53 42.74 12.25
C3 NAG I . -8.72 43.98 11.40
C4 NAG I . -7.89 43.81 10.15
C5 NAG I . -8.25 42.52 9.41
C6 NAG I . -7.27 42.27 8.29
C7 NAG I . -8.50 42.64 14.66
C8 NAG I . -9.32 42.45 15.90
N2 NAG I . -9.18 42.86 13.53
O3 NAG I . -8.27 45.14 12.13
O4 NAG I . -8.09 44.93 9.28
O5 NAG I . -8.26 41.38 10.29
O6 NAG I . -7.71 41.18 7.48
O7 NAG I . -7.28 42.59 14.67
C1 NAG J . -28.92 21.24 -14.24
C2 NAG J . -29.93 22.37 -14.50
C3 NAG J . -30.21 22.51 -15.98
C4 NAG J . -28.91 22.66 -16.75
C5 NAG J . -27.98 21.50 -16.43
C6 NAG J . -26.66 21.64 -17.17
C7 NAG J . -31.63 23.02 -12.90
C8 NAG J . -32.70 22.51 -11.98
N2 NAG J . -31.16 22.13 -13.79
O3 NAG J . -31.04 23.65 -16.21
O4 NAG J . -29.19 22.67 -18.17
O5 NAG J . -27.73 21.44 -15.03
O6 NAG J . -26.91 21.89 -18.56
O7 NAG J . -31.20 24.15 -12.84
C1 NAG K . -31.77 -13.16 6.29
C2 NAG K . -30.71 -14.26 6.36
C3 NAG K . -31.29 -15.59 6.82
C4 NAG K . -32.03 -15.39 8.13
C5 NAG K . -33.07 -14.27 7.96
C6 NAG K . -33.87 -14.05 9.23
C7 NAG K . -28.75 -14.59 4.98
C8 NAG K . -28.31 -15.82 4.24
N2 NAG K . -30.07 -14.42 5.07
O3 NAG K . -30.24 -16.54 7.00
O4 NAG K . -32.71 -16.60 8.50
O5 NAG K . -32.40 -13.07 7.58
O6 NAG K . -35.05 -13.29 8.91
O7 NAG K . -27.96 -13.81 5.48
C1 NAG L . -37.73 20.30 10.13
C2 NAG L . -38.82 21.23 9.61
C3 NAG L . -40.18 20.68 9.97
C4 NAG L . -40.32 19.33 9.28
C5 NAG L . -39.17 18.40 9.65
C6 NAG L . -39.22 17.15 8.78
C7 NAG L . -38.27 23.56 9.30
C8 NAG L . -37.79 24.82 9.96
N2 NAG L . -38.65 22.58 10.12
O3 NAG L . -41.21 21.57 9.52
O4 NAG L . -41.57 18.74 9.65
O5 NAG L . -37.89 19.02 9.49
O6 NAG L . -38.27 16.19 9.25
O7 NAG L . -38.32 23.45 8.09
C1 NAG M . -21.10 -6.76 31.59
C2 NAG M . -22.18 -6.69 32.68
C3 NAG M . -22.58 -8.08 33.15
C4 NAG M . -22.97 -8.93 31.97
C5 NAG M . -21.85 -8.94 30.93
C6 NAG M . -22.24 -9.77 29.72
C7 NAG M . -22.37 -4.83 34.22
C8 NAG M . -21.62 -3.92 35.15
N2 NAG M . -21.71 -5.91 33.81
O3 NAG M . -23.68 -7.98 34.06
O4 NAG M . -23.23 -10.28 32.40
O5 NAG M . -21.54 -7.60 30.52
O6 NAG M . -22.72 -11.05 30.15
O7 NAG M . -23.51 -4.59 33.87
C1 NAG N . 16.67 6.79 29.97
C2 NAG N . 17.67 6.52 28.84
C3 NAG N . 19.11 6.78 29.29
C4 NAG N . 19.22 8.17 29.89
C5 NAG N . 18.18 8.33 30.99
C6 NAG N . 18.27 9.69 31.66
C7 NAG N . 17.58 4.92 27.04
C8 NAG N . 18.61 3.91 26.62
N2 NAG N . 17.53 5.17 28.34
O3 NAG N . 19.98 6.66 28.16
O4 NAG N . 20.53 8.36 30.44
O5 NAG N . 16.87 8.12 30.44
O6 NAG N . 17.55 9.65 32.90
O7 NAG N . 16.85 5.47 26.24
C1 NAG O . -14.86 17.72 37.45
C2 NAG O . -15.79 17.51 38.64
C3 NAG O . -15.07 17.89 39.92
C4 NAG O . -13.86 16.97 40.06
C5 NAG O . -12.98 17.02 38.81
C6 NAG O . -11.92 15.94 38.89
C7 NAG O . -18.17 17.61 38.27
C8 NAG O . -19.31 18.45 37.80
N2 NAG O . -17.03 18.25 38.50
O3 NAG O . -15.94 17.72 41.05
O4 NAG O . -13.11 17.34 41.21
O5 NAG O . -13.73 16.86 37.60
O6 NAG O . -10.97 16.11 37.83
O7 NAG O . -18.27 16.40 38.45
#